data_7QPJ
#
_entry.id   7QPJ
#
_cell.length_a   54.197
_cell.length_b   77.446
_cell.length_c   116.682
_cell.angle_alpha   90.000
_cell.angle_beta   102.700
_cell.angle_gamma   90.000
#
_symmetry.space_group_name_H-M   'P 1 21 1'
#
loop_
_entity.id
_entity.type
_entity.pdbx_description
1 polymer 'MHC class I antigen'
2 polymer Beta-2-microglobulin
3 polymer 'Melanoma-associated antigen 10'
4 polymer 'T-cell receptor alpha chain'
5 polymer 'T-cell receptor beta chain'
6 non-polymer GLYCEROL
7 water water
#
loop_
_entity_poly.entity_id
_entity_poly.type
_entity_poly.pdbx_seq_one_letter_code
_entity_poly.pdbx_strand_id
1 'polypeptide(L)'
;MGSHSMRYFFTSVSRPGRGEPRFIAVGYVDDTQFVRFDSDAASQRMEPRAPWIEQEGPEYWDGETRKVKAHSQTHRVDLG
TLRGYYNQSEAGSHTVQRMYGCDVGSDWRFLRGYHQYAYDGKDYIALKEDLRSWTAADMAAQTTKHKWEAAHVAEQLRAY
LEGTCVEWLRRYLENGKETLQRTDAPKTHMTHHAVSDHEATLRCWALSFYPAEITLTWQRDGEDQTQDTELVETRPAGDG
TFQKWAAVVVPSGQEQRYTCHVQHEGLPKPLTLRWEP
;
C
2 'polypeptide(L)'
;MIQRTPKIQVYSRHPAENGKSNFLNCYVSGFHPSDIEVDLLKNGERIEKVEHSDLSFSKDWSFYLLYYTEFTPTEKDEYA
CRVNHVTLSQPKIVKWDRDM
;
D
3 'polypeptide(L)' GLYDGMEHL E
4 'polypeptide(L)'
;MQKEVEQNSGPLSVPEGAIASLNCTYSDRGSSSFFWYRQYSGKSPELIMSIYANGDKEDGRFTAQLNKASQYVSLLIRDS
QPSDSATYLCAVRGTGRRALTFGSGTRLQVQPNIQNPDPAVYQLRDSKSSDKSVCLFTDFDSQTNVSQSKDSDVYITDKC
VLDMRSMDFKSNSAVAWSNKSDFACANAFNNSIIPEDTFFPSPESS
;
A
5 'polypeptide(L)'
;MNAGVTQTPKFRILKIGQSMTLQCAQDMNHNYMYWYRQDPGMGLKLIYYSVGAGITDKGEVPNGYNVSRSTTEDFPLRLE
LAAPSQTSVYFCASSFATEAFFGQGTRLTVVEDLNKVFPPEVAVFEPSEAEISHTQKATLVCLATGFYPDHVELSWWVNG
KEVHSGVCTDPQPLKEQPALNDSRYALSSRLRVSATFWQDPRNHFRCQVQFYGLSENDEWTQDRAKPVTQIVSAEAWGRA
D
;
B
#
loop_
_chem_comp.id
_chem_comp.type
_chem_comp.name
_chem_comp.formula
GOL non-polymer GLYCEROL 'C3 H8 O3'
#
# COMPACT_ATOMS: atom_id res chain seq x y z
N GLY A 2 -35.47 1.31 6.54
CA GLY A 2 -35.23 0.66 5.22
C GLY A 2 -33.74 0.37 5.03
N SER A 3 -33.43 -0.41 3.99
CA SER A 3 -32.08 -0.78 3.53
C SER A 3 -31.40 0.45 2.91
N HIS A 4 -30.07 0.48 2.93
CA HIS A 4 -29.33 1.63 2.39
C HIS A 4 -28.09 1.13 1.66
N SER A 5 -27.53 2.00 0.85
CA SER A 5 -26.35 1.65 0.05
C SER A 5 -25.41 2.83 -0.13
N MET A 6 -24.10 2.54 -0.37
CA MET A 6 -23.14 3.57 -0.81
C MET A 6 -22.48 3.03 -2.07
N ARG A 7 -22.34 3.88 -3.08
CA ARG A 7 -21.73 3.45 -4.36
C ARG A 7 -20.85 4.56 -4.89
N TYR A 8 -19.68 4.18 -5.41
CA TYR A 8 -18.82 5.05 -6.22
C TYR A 8 -18.74 4.49 -7.64
N PHE A 9 -18.86 5.39 -8.61
CA PHE A 9 -18.83 5.07 -10.06
C PHE A 9 -17.72 5.88 -10.71
N PHE A 10 -16.81 5.23 -11.42
CA PHE A 10 -15.67 5.89 -12.04
C PHE A 10 -15.65 5.59 -13.53
N THR A 11 -15.37 6.61 -14.32
CA THR A 11 -15.29 6.47 -15.80
C THR A 11 -14.00 7.12 -16.27
N SER A 12 -13.17 6.33 -16.93
CA SER A 12 -11.88 6.75 -17.49
C SER A 12 -11.95 6.61 -19.03
N VAL A 13 -11.72 7.69 -19.78
CA VAL A 13 -11.87 7.66 -21.26
C VAL A 13 -10.60 8.19 -21.93
N SER A 14 -9.96 7.40 -22.79
CA SER A 14 -8.74 7.87 -23.49
C SER A 14 -9.11 8.83 -24.59
N ARG A 15 -8.24 9.81 -24.86
CA ARG A 15 -8.50 10.94 -25.77
C ARG A 15 -7.33 11.06 -26.73
N PRO A 16 -7.26 10.24 -27.82
CA PRO A 16 -6.09 10.22 -28.69
C PRO A 16 -5.68 11.62 -29.17
N GLY A 17 -4.46 12.01 -28.87
CA GLY A 17 -3.87 13.31 -29.27
C GLY A 17 -4.47 14.51 -28.57
N ARG A 18 -5.31 14.30 -27.55
CA ARG A 18 -5.96 15.43 -26.82
C ARG A 18 -5.56 15.33 -25.35
N GLY A 19 -4.33 14.87 -25.08
CA GLY A 19 -3.72 14.88 -23.75
C GLY A 19 -4.21 13.72 -22.88
N GLU A 20 -4.27 13.95 -21.57
CA GLU A 20 -4.53 12.88 -20.56
CA GLU A 20 -4.51 12.86 -20.59
C GLU A 20 -5.97 12.40 -20.71
N PRO A 21 -6.26 11.15 -20.30
CA PRO A 21 -7.62 10.64 -20.34
C PRO A 21 -8.57 11.46 -19.45
N ARG A 22 -9.84 11.48 -19.80
CA ARG A 22 -10.86 12.12 -18.95
C ARG A 22 -11.15 11.15 -17.78
N PHE A 23 -11.19 11.65 -16.55
CA PHE A 23 -11.54 10.83 -15.36
C PHE A 23 -12.68 11.50 -14.62
N ILE A 24 -13.78 10.77 -14.42
CA ILE A 24 -14.96 11.26 -13.68
C ILE A 24 -15.32 10.25 -12.59
N ALA A 25 -15.44 10.74 -11.38
CA ALA A 25 -15.85 9.93 -10.20
C ALA A 25 -17.10 10.57 -9.60
N VAL A 26 -18.05 9.73 -9.24
CA VAL A 26 -19.27 10.19 -8.55
C VAL A 26 -19.59 9.23 -7.39
N GLY A 27 -19.98 9.82 -6.26
CA GLY A 27 -20.39 9.07 -5.07
C GLY A 27 -21.87 9.25 -4.79
N TYR A 28 -22.56 8.17 -4.43
CA TYR A 28 -23.99 8.16 -4.05
C TYR A 28 -24.14 7.50 -2.68
N VAL A 29 -25.16 7.98 -1.94
CA VAL A 29 -25.79 7.27 -0.82
C VAL A 29 -27.24 7.12 -1.23
N ASP A 30 -27.68 5.86 -1.31
CA ASP A 30 -28.99 5.53 -1.90
C ASP A 30 -29.11 6.23 -3.26
N ASP A 31 -30.19 6.95 -3.54
CA ASP A 31 -30.39 7.65 -4.83
C ASP A 31 -29.99 9.11 -4.73
N THR A 32 -29.13 9.49 -3.80
CA THR A 32 -28.65 10.88 -3.63
C THR A 32 -27.15 10.98 -3.97
N GLN A 33 -26.78 11.80 -4.93
CA GLN A 33 -25.35 12.05 -5.21
C GLN A 33 -24.79 12.94 -4.08
N PHE A 34 -23.58 12.67 -3.60
CA PHE A 34 -22.98 13.52 -2.52
C PHE A 34 -21.59 14.07 -2.90
N VAL A 35 -20.83 13.45 -3.84
CA VAL A 35 -19.49 13.94 -4.22
C VAL A 35 -19.26 13.75 -5.70
N ARG A 36 -18.36 14.54 -6.28
CA ARG A 36 -17.85 14.35 -7.65
C ARG A 36 -16.38 14.73 -7.72
N PHE A 37 -15.70 14.18 -8.71
CA PHE A 37 -14.38 14.63 -9.17
C PHE A 37 -14.43 14.60 -10.70
N ASP A 38 -13.95 15.67 -11.34
CA ASP A 38 -13.80 15.69 -12.80
C ASP A 38 -12.39 16.16 -13.12
N SER A 39 -11.59 15.31 -13.76
CA SER A 39 -10.20 15.61 -14.25
C SER A 39 -10.17 16.97 -14.97
N ASP A 40 -11.25 17.37 -15.65
CA ASP A 40 -11.28 18.56 -16.55
C ASP A 40 -11.77 19.82 -15.80
N ALA A 41 -12.22 19.72 -14.55
CA ALA A 41 -12.68 20.89 -13.76
C ALA A 41 -11.50 21.63 -13.12
N ALA A 42 -11.75 22.85 -12.65
CA ALA A 42 -10.68 23.79 -12.20
C ALA A 42 -10.14 23.40 -10.83
N SER A 43 -10.98 22.96 -9.89
CA SER A 43 -10.59 22.76 -8.47
C SER A 43 -9.49 21.70 -8.34
N GLN A 44 -9.55 20.60 -9.12
CA GLN A 44 -8.70 19.40 -8.89
C GLN A 44 -8.90 18.95 -7.44
N ARG A 45 -10.12 19.06 -6.98
CA ARG A 45 -10.54 18.60 -5.63
C ARG A 45 -11.72 17.65 -5.74
N MET A 46 -11.86 16.72 -4.82
CA MET A 46 -13.19 16.11 -4.58
C MET A 46 -14.15 17.21 -4.14
N GLU A 47 -15.32 17.29 -4.78
CA GLU A 47 -16.31 18.37 -4.54
C GLU A 47 -17.62 17.84 -3.96
N PRO A 48 -18.20 18.60 -3.02
CA PRO A 48 -19.50 18.24 -2.47
C PRO A 48 -20.64 18.45 -3.47
N ARG A 49 -21.67 17.59 -3.38
CA ARG A 49 -22.92 17.68 -4.19
C ARG A 49 -24.19 17.54 -3.33
N ALA A 50 -24.07 17.45 -2.02
CA ALA A 50 -25.18 17.41 -1.04
C ALA A 50 -24.78 18.24 0.17
N PRO A 51 -25.74 18.94 0.81
CA PRO A 51 -25.41 19.96 1.80
C PRO A 51 -24.78 19.31 3.04
N TRP A 52 -25.23 18.09 3.38
CA TRP A 52 -24.79 17.36 4.60
C TRP A 52 -23.31 16.99 4.52
N ILE A 53 -22.75 16.73 3.33
CA ILE A 53 -21.31 16.31 3.27
C ILE A 53 -20.46 17.58 3.46
N GLU A 54 -20.98 18.78 3.18
CA GLU A 54 -20.20 20.02 3.42
C GLU A 54 -19.88 20.21 4.91
N GLN A 55 -20.61 19.56 5.85
CA GLN A 55 -20.31 19.54 7.31
C GLN A 55 -18.95 18.90 7.58
N GLU A 56 -18.43 18.02 6.70
CA GLU A 56 -17.12 17.36 6.90
C GLU A 56 -15.98 18.40 6.79
N GLY A 57 -14.97 18.26 7.66
CA GLY A 57 -13.85 19.20 7.73
C GLY A 57 -12.73 18.87 6.75
N PRO A 58 -11.70 19.74 6.74
CA PRO A 58 -10.57 19.64 5.82
C PRO A 58 -9.84 18.29 5.80
N GLU A 59 -9.72 17.58 6.93
CA GLU A 59 -9.02 16.26 6.94
C GLU A 59 -9.81 15.30 6.03
N TYR A 60 -11.15 15.33 6.10
CA TYR A 60 -12.02 14.49 5.24
C TYR A 60 -11.67 14.80 3.77
N TRP A 61 -11.79 16.07 3.42
CA TRP A 61 -11.66 16.55 2.02
C TRP A 61 -10.25 16.35 1.46
N ASP A 62 -9.19 16.65 2.21
CA ASP A 62 -7.81 16.32 1.80
C ASP A 62 -7.68 14.82 1.49
N GLY A 63 -8.16 13.97 2.39
CA GLY A 63 -8.11 12.50 2.25
C GLY A 63 -8.82 12.05 0.99
N GLU A 64 -10.06 12.47 0.78
CA GLU A 64 -10.85 12.01 -0.39
C GLU A 64 -10.20 12.53 -1.66
N THR A 65 -9.71 13.78 -1.64
CA THR A 65 -9.00 14.32 -2.80
C THR A 65 -7.77 13.48 -3.10
N ARG A 66 -6.97 13.14 -2.08
CA ARG A 66 -5.74 12.38 -2.35
C ARG A 66 -6.15 11.00 -2.94
N LYS A 67 -7.16 10.36 -2.36
CA LYS A 67 -7.59 9.00 -2.81
C LYS A 67 -8.10 9.10 -4.23
N VAL A 68 -8.92 10.12 -4.59
CA VAL A 68 -9.52 10.14 -5.94
C VAL A 68 -8.44 10.43 -6.99
N LYS A 69 -7.49 11.31 -6.68
CA LYS A 69 -6.33 11.57 -7.57
C LYS A 69 -5.50 10.28 -7.71
N ALA A 70 -5.35 9.49 -6.65
CA ALA A 70 -4.61 8.23 -6.77
C ALA A 70 -5.38 7.30 -7.71
N HIS A 71 -6.72 7.21 -7.60
CA HIS A 71 -7.52 6.37 -8.55
CA HIS A 71 -7.52 6.36 -8.54
C HIS A 71 -7.31 6.84 -9.99
N SER A 72 -7.33 8.15 -10.21
CA SER A 72 -7.20 8.66 -11.60
CA SER A 72 -7.17 8.69 -11.57
C SER A 72 -5.87 8.14 -12.17
N GLN A 73 -4.80 8.14 -11.39
CA GLN A 73 -3.46 7.72 -11.87
C GLN A 73 -3.47 6.21 -12.14
N THR A 74 -4.05 5.43 -11.22
CA THR A 74 -4.20 3.98 -11.45
C THR A 74 -4.90 3.74 -12.79
N HIS A 75 -6.02 4.40 -13.05
CA HIS A 75 -6.82 4.15 -14.27
C HIS A 75 -6.08 4.63 -15.52
N ARG A 76 -5.29 5.67 -15.44
CA ARG A 76 -4.44 6.11 -16.59
CA ARG A 76 -4.40 6.12 -16.56
C ARG A 76 -3.51 4.96 -16.99
N VAL A 77 -2.87 4.30 -16.03
CA VAL A 77 -1.98 3.16 -16.33
C VAL A 77 -2.83 1.99 -16.84
N ASP A 78 -4.00 1.74 -16.23
CA ASP A 78 -4.88 0.62 -16.60
C ASP A 78 -5.34 0.75 -18.06
N LEU A 79 -5.58 1.97 -18.54
CA LEU A 79 -5.91 2.15 -19.98
C LEU A 79 -4.76 1.62 -20.86
N GLY A 80 -3.50 1.92 -20.50
CA GLY A 80 -2.29 1.45 -21.20
C GLY A 80 -2.16 -0.06 -21.12
N THR A 81 -2.37 -0.63 -19.93
CA THR A 81 -2.29 -2.08 -19.72
C THR A 81 -3.30 -2.78 -20.64
N LEU A 82 -4.57 -2.35 -20.64
CA LEU A 82 -5.64 -3.02 -21.37
C LEU A 82 -5.34 -2.91 -22.89
N ARG A 83 -4.76 -1.80 -23.36
CA ARG A 83 -4.36 -1.72 -24.79
CA ARG A 83 -4.26 -1.64 -24.76
C ARG A 83 -3.34 -2.82 -25.09
N GLY A 84 -2.41 -3.10 -24.17
CA GLY A 84 -1.40 -4.17 -24.32
C GLY A 84 -2.10 -5.52 -24.37
N TYR A 85 -3.01 -5.77 -23.44
CA TYR A 85 -3.71 -7.08 -23.31
C TYR A 85 -4.54 -7.37 -24.57
N TYR A 86 -5.13 -6.34 -25.21
CA TYR A 86 -6.03 -6.53 -26.36
C TYR A 86 -5.37 -6.14 -27.71
N ASN A 87 -4.09 -5.80 -27.74
CA ASN A 87 -3.35 -5.51 -29.00
C ASN A 87 -4.01 -4.33 -29.70
N GLN A 88 -4.30 -3.27 -28.97
CA GLN A 88 -5.07 -2.10 -29.47
C GLN A 88 -4.11 -0.91 -29.53
N SER A 89 -4.20 -0.08 -30.57
CA SER A 89 -3.29 1.09 -30.69
C SER A 89 -3.75 2.27 -29.84
N GLU A 90 -2.96 3.32 -29.82
CA GLU A 90 -3.28 4.60 -29.15
C GLU A 90 -4.25 5.44 -30.01
N ALA A 91 -4.60 5.02 -31.24
CA ALA A 91 -5.41 5.88 -32.16
C ALA A 91 -6.87 5.88 -31.70
N GLY A 92 -7.31 4.82 -31.02
CA GLY A 92 -8.73 4.68 -30.66
C GLY A 92 -8.98 5.15 -29.24
N SER A 93 -10.17 5.66 -29.00
CA SER A 93 -10.67 6.01 -27.65
C SER A 93 -11.25 4.73 -27.00
N HIS A 94 -10.85 4.46 -25.79
CA HIS A 94 -11.38 3.30 -25.03
C HIS A 94 -11.84 3.77 -23.64
N THR A 95 -12.64 2.96 -22.99
CA THR A 95 -13.34 3.36 -21.75
C THR A 95 -13.08 2.28 -20.71
N VAL A 96 -12.65 2.68 -19.51
CA VAL A 96 -12.69 1.79 -18.33
C VAL A 96 -13.76 2.35 -17.40
N GLN A 97 -14.58 1.44 -16.88
CA GLN A 97 -15.58 1.79 -15.85
C GLN A 97 -15.27 0.93 -14.64
N ARG A 98 -15.44 1.52 -13.45
CA ARG A 98 -15.28 0.82 -12.16
C ARG A 98 -16.40 1.22 -11.23
N MET A 99 -16.86 0.26 -10.43
CA MET A 99 -17.87 0.58 -9.42
C MET A 99 -17.51 -0.22 -8.17
N TYR A 100 -17.73 0.40 -7.00
CA TYR A 100 -17.67 -0.36 -5.73
C TYR A 100 -18.57 0.26 -4.68
N GLY A 101 -18.86 -0.51 -3.64
CA GLY A 101 -19.69 -0.02 -2.53
C GLY A 101 -20.26 -1.16 -1.70
N CYS A 102 -21.23 -0.82 -0.87
CA CYS A 102 -21.76 -1.74 0.14
C CYS A 102 -23.25 -1.47 0.34
N ASP A 103 -23.97 -2.50 0.76
CA ASP A 103 -25.41 -2.45 1.13
C ASP A 103 -25.45 -2.81 2.63
N VAL A 104 -26.37 -2.16 3.35
CA VAL A 104 -26.74 -2.51 4.75
C VAL A 104 -28.26 -2.70 4.79
N GLY A 105 -28.74 -3.51 5.75
CA GLY A 105 -30.17 -3.59 6.08
C GLY A 105 -30.71 -2.45 6.92
N SER A 106 -32.00 -2.60 7.27
CA SER A 106 -32.75 -1.64 8.12
C SER A 106 -32.03 -1.40 9.44
N ASP A 107 -31.32 -2.41 9.95
CA ASP A 107 -30.46 -2.33 11.17
C ASP A 107 -29.07 -1.74 10.88
N TRP A 108 -28.77 -1.34 9.65
CA TRP A 108 -27.46 -0.74 9.22
C TRP A 108 -26.35 -1.78 9.38
N ARG A 109 -26.67 -3.07 9.36
CA ARG A 109 -25.64 -4.14 9.27
C ARG A 109 -25.37 -4.54 7.82
N PHE A 110 -24.11 -4.89 7.58
CA PHE A 110 -23.61 -5.27 6.25
C PHE A 110 -24.50 -6.37 5.64
N LEU A 111 -24.88 -6.19 4.37
CA LEU A 111 -25.60 -7.18 3.54
C LEU A 111 -24.68 -7.70 2.46
N ARG A 112 -24.05 -6.80 1.70
CA ARG A 112 -23.15 -7.28 0.63
C ARG A 112 -22.33 -6.11 0.08
N GLY A 113 -21.25 -6.49 -0.58
CA GLY A 113 -20.26 -5.58 -1.17
C GLY A 113 -20.17 -5.82 -2.66
N TYR A 114 -19.61 -4.86 -3.37
CA TYR A 114 -19.38 -4.90 -4.83
C TYR A 114 -18.04 -4.24 -5.15
N HIS A 115 -17.36 -4.83 -6.14
CA HIS A 115 -16.16 -4.27 -6.78
C HIS A 115 -16.10 -4.86 -8.19
N GLN A 116 -16.30 -4.03 -9.22
CA GLN A 116 -16.34 -4.61 -10.58
C GLN A 116 -15.93 -3.56 -11.57
N TYR A 117 -15.43 -4.06 -12.69
CA TYR A 117 -14.91 -3.23 -13.77
C TYR A 117 -15.53 -3.65 -15.10
N ALA A 118 -15.57 -2.71 -16.04
CA ALA A 118 -15.94 -2.99 -17.44
C ALA A 118 -14.91 -2.32 -18.35
N TYR A 119 -14.68 -2.91 -19.52
CA TYR A 119 -13.82 -2.32 -20.53
C TYR A 119 -14.64 -2.23 -21.83
N ASP A 120 -14.72 -1.02 -22.37
CA ASP A 120 -15.55 -0.72 -23.57
C ASP A 120 -16.96 -1.31 -23.45
N GLY A 121 -17.57 -1.19 -22.29
CA GLY A 121 -18.99 -1.50 -22.04
C GLY A 121 -19.24 -2.99 -21.78
N LYS A 122 -18.20 -3.79 -21.64
CA LYS A 122 -18.31 -5.24 -21.34
C LYS A 122 -17.71 -5.56 -19.97
N ASP A 123 -18.39 -6.42 -19.21
CA ASP A 123 -17.84 -6.95 -17.95
C ASP A 123 -16.39 -7.35 -18.20
N TYR A 124 -15.48 -6.95 -17.29
CA TYR A 124 -14.05 -7.32 -17.30
C TYR A 124 -13.73 -8.26 -16.13
N ILE A 125 -13.83 -7.76 -14.88
CA ILE A 125 -13.53 -8.56 -13.67
C ILE A 125 -14.49 -8.07 -12.57
N ALA A 126 -14.93 -8.98 -11.71
CA ALA A 126 -15.74 -8.59 -10.57
C ALA A 126 -15.37 -9.46 -9.38
N LEU A 127 -15.38 -8.88 -8.19
CA LEU A 127 -15.40 -9.68 -6.94
C LEU A 127 -16.72 -10.45 -6.81
N LYS A 128 -16.64 -11.74 -6.43
CA LYS A 128 -17.83 -12.58 -6.23
C LYS A 128 -18.49 -12.18 -4.91
N GLU A 129 -19.77 -12.46 -4.83
CA GLU A 129 -20.64 -12.12 -3.68
C GLU A 129 -20.01 -12.63 -2.37
N ASP A 130 -19.25 -13.73 -2.37
CA ASP A 130 -18.58 -14.26 -1.15
C ASP A 130 -17.37 -13.41 -0.74
N LEU A 131 -16.94 -12.39 -1.52
CA LEU A 131 -15.85 -11.48 -1.13
C LEU A 131 -14.48 -12.19 -1.10
N ARG A 132 -14.35 -13.38 -1.70
CA ARG A 132 -13.12 -14.16 -1.48
C ARG A 132 -12.51 -14.60 -2.80
N SER A 133 -13.23 -14.42 -3.89
CA SER A 133 -12.83 -14.90 -5.24
C SER A 133 -13.28 -13.91 -6.31
N TRP A 134 -12.74 -14.08 -7.52
CA TRP A 134 -13.00 -13.17 -8.64
C TRP A 134 -13.62 -13.94 -9.80
N THR A 135 -14.52 -13.29 -10.51
CA THR A 135 -15.08 -13.70 -11.81
C THR A 135 -14.35 -12.93 -12.89
N ALA A 136 -13.70 -13.64 -13.82
CA ALA A 136 -12.92 -13.03 -14.91
C ALA A 136 -13.60 -13.35 -16.25
N ALA A 137 -14.02 -12.30 -16.95
CA ALA A 137 -14.72 -12.34 -18.25
C ALA A 137 -13.97 -13.17 -19.31
N ASP A 138 -12.63 -13.07 -19.39
CA ASP A 138 -11.84 -13.53 -20.56
C ASP A 138 -10.37 -13.73 -20.15
N MET A 139 -9.45 -14.00 -21.09
CA MET A 139 -8.02 -14.32 -20.77
C MET A 139 -7.28 -13.10 -20.21
N ALA A 140 -7.53 -11.89 -20.70
CA ALA A 140 -6.91 -10.66 -20.16
C ALA A 140 -7.28 -10.55 -18.67
N ALA A 141 -8.56 -10.67 -18.37
CA ALA A 141 -9.10 -10.57 -16.99
C ALA A 141 -8.46 -11.68 -16.13
N GLN A 142 -8.17 -12.86 -16.70
CA GLN A 142 -7.56 -13.99 -15.94
C GLN A 142 -6.13 -13.55 -15.62
N THR A 143 -5.47 -12.77 -16.47
CA THR A 143 -4.14 -12.22 -16.14
C THR A 143 -4.27 -11.34 -14.89
N THR A 144 -5.32 -10.52 -14.84
CA THR A 144 -5.54 -9.56 -13.73
C THR A 144 -5.79 -10.37 -12.45
N LYS A 145 -6.65 -11.37 -12.56
CA LYS A 145 -7.08 -12.22 -11.45
C LYS A 145 -5.86 -12.90 -10.81
N HIS A 146 -4.95 -13.43 -11.63
CA HIS A 146 -3.74 -14.12 -11.11
C HIS A 146 -2.85 -13.11 -10.36
N LYS A 147 -2.69 -11.89 -10.88
CA LYS A 147 -1.89 -10.84 -10.21
C LYS A 147 -2.53 -10.54 -8.85
N TRP A 148 -3.86 -10.39 -8.80
CA TRP A 148 -4.54 -10.00 -7.56
C TRP A 148 -4.48 -11.17 -6.54
N GLU A 149 -4.58 -12.40 -7.00
CA GLU A 149 -4.48 -13.60 -6.12
C GLU A 149 -3.06 -13.68 -5.56
N ALA A 150 -2.04 -13.46 -6.39
CA ALA A 150 -0.64 -13.60 -5.93
C ALA A 150 -0.36 -12.55 -4.87
N ALA A 151 -0.98 -11.35 -4.98
CA ALA A 151 -0.71 -10.23 -4.06
C ALA A 151 -1.68 -10.22 -2.88
N HIS A 152 -2.60 -11.18 -2.78
CA HIS A 152 -3.60 -11.24 -1.68
C HIS A 152 -4.38 -9.93 -1.56
N VAL A 153 -4.92 -9.46 -2.68
CA VAL A 153 -5.70 -8.21 -2.79
C VAL A 153 -7.05 -8.42 -2.13
N ALA A 154 -7.66 -9.62 -2.23
CA ALA A 154 -9.03 -9.81 -1.72
C ALA A 154 -9.11 -9.44 -0.23
N GLU A 155 -8.14 -9.83 0.61
CA GLU A 155 -8.31 -9.52 2.07
C GLU A 155 -8.34 -8.01 2.34
N GLN A 156 -7.60 -7.21 1.56
CA GLN A 156 -7.54 -5.73 1.69
C GLN A 156 -8.87 -5.14 1.22
N LEU A 157 -9.40 -5.71 0.16
CA LEU A 157 -10.66 -5.22 -0.43
C LEU A 157 -11.81 -5.60 0.47
N ARG A 158 -11.83 -6.82 1.00
CA ARG A 158 -12.92 -7.25 1.90
C ARG A 158 -12.93 -6.32 3.11
N ALA A 159 -11.79 -6.01 3.64
CA ALA A 159 -11.65 -5.13 4.83
C ALA A 159 -12.37 -3.80 4.60
N TYR A 160 -12.29 -3.24 3.43
CA TYR A 160 -13.03 -2.03 3.05
C TYR A 160 -14.51 -2.35 2.89
N LEU A 161 -14.90 -3.33 2.06
CA LEU A 161 -16.34 -3.51 1.74
C LEU A 161 -17.17 -3.88 2.98
N GLU A 162 -16.68 -4.80 3.81
CA GLU A 162 -17.52 -5.30 4.92
C GLU A 162 -17.29 -4.45 6.17
N GLY A 163 -16.34 -3.53 6.18
CA GLY A 163 -15.98 -2.72 7.36
C GLY A 163 -15.96 -1.22 7.07
N THR A 164 -14.91 -0.70 6.52
CA THR A 164 -14.74 0.77 6.30
C THR A 164 -15.94 1.37 5.55
N CYS A 165 -16.36 0.71 4.47
CA CYS A 165 -17.51 1.17 3.65
C CYS A 165 -18.76 1.33 4.52
N VAL A 166 -19.07 0.32 5.34
CA VAL A 166 -20.24 0.34 6.23
C VAL A 166 -20.10 1.52 7.23
N GLU A 167 -18.92 1.71 7.78
CA GLU A 167 -18.65 2.83 8.76
C GLU A 167 -18.92 4.20 8.11
N TRP A 168 -18.46 4.39 6.87
CA TRP A 168 -18.70 5.66 6.14
C TRP A 168 -20.21 5.81 5.96
N LEU A 169 -20.87 4.74 5.49
CA LEU A 169 -22.33 4.83 5.15
C LEU A 169 -23.09 5.20 6.42
N ARG A 170 -22.76 4.59 7.56
CA ARG A 170 -23.44 4.88 8.86
C ARG A 170 -23.21 6.33 9.27
N ARG A 171 -21.98 6.81 9.18
CA ARG A 171 -21.63 8.24 9.41
C ARG A 171 -22.48 9.14 8.52
N TYR A 172 -22.59 8.88 7.21
CA TYR A 172 -23.37 9.74 6.27
C TYR A 172 -24.87 9.67 6.60
N LEU A 173 -25.40 8.49 6.89
CA LEU A 173 -26.84 8.28 7.22
C LEU A 173 -27.20 9.09 8.48
N GLU A 174 -26.33 9.16 9.48
CA GLU A 174 -26.65 9.92 10.73
C GLU A 174 -26.51 11.42 10.43
N ASN A 175 -25.43 11.86 9.79
CA ASN A 175 -25.20 13.31 9.48
C ASN A 175 -26.17 13.83 8.41
N GLY A 176 -26.63 12.97 7.49
CA GLY A 176 -27.52 13.38 6.39
C GLY A 176 -28.97 13.01 6.62
N LYS A 177 -29.35 12.74 7.88
CA LYS A 177 -30.58 11.97 8.22
C LYS A 177 -31.78 12.71 7.61
N GLU A 178 -31.82 14.05 7.73
CA GLU A 178 -32.94 14.88 7.18
C GLU A 178 -33.12 14.62 5.68
N THR A 179 -32.04 14.48 4.89
CA THR A 179 -32.06 14.25 3.40
C THR A 179 -32.17 12.75 3.09
N LEU A 180 -31.46 11.89 3.82
CA LEU A 180 -31.27 10.48 3.38
C LEU A 180 -32.36 9.57 3.96
N GLN A 181 -32.79 9.82 5.20
CA GLN A 181 -33.75 8.95 5.91
C GLN A 181 -35.14 9.56 5.78
N ARG A 182 -35.51 10.00 4.57
CA ARG A 182 -36.82 10.59 4.25
C ARG A 182 -37.48 9.72 3.18
N THR A 183 -38.80 9.75 3.11
CA THR A 183 -39.52 9.28 1.91
C THR A 183 -40.44 10.40 1.43
N ASP A 184 -40.43 10.68 0.14
CA ASP A 184 -41.39 11.62 -0.50
C ASP A 184 -42.35 10.75 -1.29
N ALA A 185 -43.63 10.72 -0.90
CA ALA A 185 -44.65 9.92 -1.63
C ALA A 185 -44.90 10.59 -2.96
N PRO A 186 -45.18 9.76 -3.98
CA PRO A 186 -45.48 10.22 -5.32
C PRO A 186 -46.81 10.96 -5.37
N LYS A 187 -46.78 12.10 -6.06
CA LYS A 187 -47.95 12.88 -6.52
C LYS A 187 -48.37 12.28 -7.86
N THR A 188 -49.61 11.81 -7.97
CA THR A 188 -50.07 10.99 -9.12
C THR A 188 -51.16 11.70 -9.93
N HIS A 189 -51.26 11.39 -11.22
CA HIS A 189 -52.36 11.88 -12.08
C HIS A 189 -52.38 11.10 -13.41
N MET A 190 -53.49 11.22 -14.15
CA MET A 190 -53.72 10.45 -15.38
C MET A 190 -53.89 11.40 -16.56
N THR A 191 -53.35 11.03 -17.73
CA THR A 191 -53.59 11.78 -18.99
C THR A 191 -54.27 10.83 -19.96
N HIS A 192 -55.00 11.44 -20.92
CA HIS A 192 -55.88 10.81 -21.93
C HIS A 192 -55.61 11.49 -23.28
N HIS A 193 -55.31 10.68 -24.30
CA HIS A 193 -54.99 11.09 -25.69
C HIS A 193 -55.65 10.09 -26.65
N ALA A 194 -56.41 10.57 -27.64
CA ALA A 194 -56.86 9.76 -28.78
C ALA A 194 -55.63 9.47 -29.63
N VAL A 195 -55.39 8.20 -29.98
CA VAL A 195 -54.39 7.76 -30.98
C VAL A 195 -55.12 7.37 -32.27
N SER A 196 -56.31 6.75 -32.15
CA SER A 196 -57.22 6.36 -33.27
C SER A 196 -58.56 7.07 -33.08
N ASP A 197 -59.50 6.82 -34.00
CA ASP A 197 -60.95 7.10 -33.82
C ASP A 197 -61.55 6.08 -32.86
N HIS A 198 -60.88 4.93 -32.64
CA HIS A 198 -61.37 3.76 -31.87
C HIS A 198 -60.44 3.41 -30.69
N GLU A 199 -59.40 4.22 -30.39
CA GLU A 199 -58.57 3.96 -29.18
C GLU A 199 -57.77 5.19 -28.71
N ALA A 200 -57.31 5.09 -27.46
CA ALA A 200 -56.74 6.20 -26.67
C ALA A 200 -55.63 5.69 -25.75
N THR A 201 -54.63 6.52 -25.50
CA THR A 201 -53.53 6.26 -24.54
C THR A 201 -53.99 6.74 -23.15
N LEU A 202 -54.02 5.83 -22.16
CA LEU A 202 -54.09 6.21 -20.73
C LEU A 202 -52.67 6.20 -20.13
N ARG A 203 -52.28 7.29 -19.49
CA ARG A 203 -50.91 7.47 -18.96
C ARG A 203 -51.02 7.84 -17.49
N CYS A 204 -50.54 6.92 -16.65
CA CYS A 204 -50.42 7.06 -15.19
C CYS A 204 -49.06 7.71 -14.84
N TRP A 205 -49.10 8.82 -14.09
CA TRP A 205 -47.93 9.66 -13.72
C TRP A 205 -47.67 9.56 -12.23
N ALA A 206 -46.41 9.31 -11.83
CA ALA A 206 -45.91 9.43 -10.45
C ALA A 206 -44.79 10.48 -10.47
N LEU A 207 -44.94 11.53 -9.65
CA LEU A 207 -44.02 12.70 -9.68
C LEU A 207 -43.51 12.97 -8.25
N SER A 208 -42.37 13.63 -8.16
CA SER A 208 -41.80 14.20 -6.91
C SER A 208 -41.61 13.11 -5.84
N PHE A 209 -41.23 11.88 -6.20
CA PHE A 209 -41.06 10.80 -5.21
C PHE A 209 -39.56 10.52 -4.94
N TYR A 210 -39.31 10.00 -3.74
CA TYR A 210 -37.97 9.58 -3.25
C TYR A 210 -38.15 8.49 -2.20
N PRO A 211 -37.39 7.37 -2.20
CA PRO A 211 -36.39 7.06 -3.24
C PRO A 211 -36.92 6.62 -4.62
N ALA A 212 -36.01 6.26 -5.52
CA ALA A 212 -36.38 6.03 -6.94
C ALA A 212 -37.23 4.75 -7.10
N GLU A 213 -37.13 3.77 -6.20
CA GLU A 213 -37.80 2.47 -6.39
C GLU A 213 -39.32 2.73 -6.37
N ILE A 214 -40.01 2.28 -7.40
CA ILE A 214 -41.49 2.45 -7.46
C ILE A 214 -42.02 1.33 -8.37
N THR A 215 -43.27 0.95 -8.17
CA THR A 215 -43.98 0.04 -9.10
C THR A 215 -45.23 0.73 -9.63
N LEU A 216 -45.33 0.90 -10.95
CA LEU A 216 -46.55 1.33 -11.68
C LEU A 216 -47.06 0.11 -12.43
N THR A 217 -48.30 -0.32 -12.17
CA THR A 217 -48.93 -1.45 -12.92
C THR A 217 -50.31 -0.97 -13.39
N TRP A 218 -50.72 -1.46 -14.57
CA TRP A 218 -52.05 -1.27 -15.17
C TRP A 218 -52.83 -2.57 -15.08
N GLN A 219 -54.09 -2.50 -14.69
CA GLN A 219 -55.00 -3.68 -14.72
C GLN A 219 -56.15 -3.35 -15.69
N ARG A 220 -56.50 -4.35 -16.49
CA ARG A 220 -57.73 -4.42 -17.32
C ARG A 220 -58.66 -5.44 -16.65
N ASP A 221 -59.76 -4.97 -16.05
CA ASP A 221 -60.73 -5.79 -15.29
C ASP A 221 -59.97 -6.60 -14.23
N GLY A 222 -59.00 -5.98 -13.54
CA GLY A 222 -58.28 -6.58 -12.37
C GLY A 222 -57.19 -7.57 -12.75
N GLU A 223 -56.89 -7.79 -14.03
CA GLU A 223 -55.78 -8.67 -14.52
C GLU A 223 -54.60 -7.79 -14.97
N ASP A 224 -53.36 -8.14 -14.57
CA ASP A 224 -52.12 -7.36 -14.85
C ASP A 224 -51.82 -7.35 -16.35
N GLN A 225 -51.42 -6.20 -16.89
CA GLN A 225 -51.17 -5.99 -18.35
C GLN A 225 -49.67 -6.06 -18.67
N THR A 226 -48.94 -6.97 -18.02
CA THR A 226 -47.45 -7.07 -18.04
C THR A 226 -46.92 -7.11 -19.49
N GLN A 227 -47.72 -7.56 -20.46
CA GLN A 227 -47.33 -7.66 -21.89
C GLN A 227 -47.70 -6.38 -22.66
N ASP A 228 -48.69 -5.61 -22.18
CA ASP A 228 -49.41 -4.56 -22.97
C ASP A 228 -49.22 -3.17 -22.33
N THR A 229 -48.18 -2.98 -21.52
CA THR A 229 -47.92 -1.70 -20.82
C THR A 229 -46.61 -1.09 -21.33
N GLU A 230 -46.64 0.20 -21.64
CA GLU A 230 -45.41 0.98 -21.92
C GLU A 230 -44.95 1.63 -20.62
N LEU A 231 -43.77 1.28 -20.11
CA LEU A 231 -43.20 1.97 -18.93
C LEU A 231 -41.90 2.65 -19.34
N VAL A 232 -41.75 3.96 -19.10
CA VAL A 232 -40.46 4.66 -19.28
C VAL A 232 -39.55 4.35 -18.08
N GLU A 233 -38.30 4.60 -18.31
CA GLU A 233 -37.26 4.55 -17.28
C GLU A 233 -37.56 5.67 -16.27
N THR A 234 -37.47 5.33 -15.00
CA THR A 234 -37.47 6.29 -13.87
C THR A 234 -36.41 7.35 -14.11
N ARG A 235 -36.77 8.60 -13.98
CA ARG A 235 -35.97 9.73 -14.49
C ARG A 235 -35.86 10.76 -13.37
N PRO A 236 -34.71 11.43 -13.25
CA PRO A 236 -34.52 12.46 -12.23
C PRO A 236 -35.30 13.75 -12.56
N ALA A 237 -35.92 14.35 -11.55
CA ALA A 237 -36.62 15.66 -11.71
C ALA A 237 -35.61 16.79 -11.76
N GLY A 238 -34.46 16.63 -11.08
CA GLY A 238 -33.41 17.67 -10.96
C GLY A 238 -33.40 18.33 -9.59
N ASP A 239 -34.37 18.03 -8.74
CA ASP A 239 -34.50 18.67 -7.41
C ASP A 239 -34.25 17.63 -6.32
N GLY A 240 -33.74 16.46 -6.70
CA GLY A 240 -33.51 15.31 -5.78
C GLY A 240 -34.65 14.32 -5.75
N THR A 241 -35.73 14.54 -6.51
CA THR A 241 -36.86 13.60 -6.62
C THR A 241 -36.85 12.96 -8.01
N PHE A 242 -37.72 11.97 -8.19
CA PHE A 242 -37.81 11.12 -9.39
C PHE A 242 -39.20 11.23 -10.00
N GLN A 243 -39.30 10.82 -11.26
CA GLN A 243 -40.59 10.79 -12.01
C GLN A 243 -40.66 9.46 -12.77
N LYS A 244 -41.87 8.98 -13.02
CA LYS A 244 -42.10 7.81 -13.90
C LYS A 244 -43.52 7.87 -14.47
N TRP A 245 -43.74 7.22 -15.61
CA TRP A 245 -45.11 6.98 -16.10
C TRP A 245 -45.24 5.60 -16.72
N ALA A 246 -46.47 5.13 -16.81
CA ALA A 246 -46.86 3.83 -17.39
C ALA A 246 -48.10 4.09 -18.24
N ALA A 247 -48.12 3.60 -19.47
CA ALA A 247 -49.22 3.87 -20.41
C ALA A 247 -49.79 2.55 -20.93
N VAL A 248 -51.10 2.53 -21.17
CA VAL A 248 -51.84 1.48 -21.93
C VAL A 248 -52.64 2.14 -23.06
N VAL A 249 -52.71 1.49 -24.21
CA VAL A 249 -53.59 1.94 -25.32
C VAL A 249 -54.88 1.14 -25.13
N VAL A 250 -56.02 1.82 -25.07
CA VAL A 250 -57.31 1.19 -24.64
C VAL A 250 -58.36 1.44 -25.72
N PRO A 251 -59.40 0.59 -25.80
CA PRO A 251 -60.55 0.85 -26.67
C PRO A 251 -61.23 2.14 -26.23
N SER A 252 -61.33 3.11 -27.15
CA SER A 252 -61.98 4.41 -26.89
C SER A 252 -63.42 4.15 -26.45
N GLY A 253 -63.84 4.72 -25.31
CA GLY A 253 -65.17 4.46 -24.70
C GLY A 253 -65.15 3.41 -23.58
N GLN A 254 -64.08 2.63 -23.41
CA GLN A 254 -63.95 1.64 -22.30
C GLN A 254 -62.80 2.01 -21.37
N GLU A 255 -62.36 3.29 -21.39
CA GLU A 255 -61.32 3.84 -20.47
C GLU A 255 -61.58 3.35 -19.04
N GLN A 256 -62.84 3.46 -18.59
CA GLN A 256 -63.23 3.26 -17.17
C GLN A 256 -63.02 1.80 -16.73
N ARG A 257 -62.65 0.88 -17.63
CA ARG A 257 -62.38 -0.55 -17.29
C ARG A 257 -60.95 -0.74 -16.76
N TYR A 258 -60.09 0.26 -16.95
CA TYR A 258 -58.66 0.14 -16.60
C TYR A 258 -58.41 0.85 -15.26
N THR A 259 -57.48 0.29 -14.46
CA THR A 259 -56.96 0.92 -13.22
C THR A 259 -55.43 0.92 -13.25
N CYS A 260 -54.84 2.04 -12.83
CA CYS A 260 -53.38 2.15 -12.57
C CYS A 260 -53.15 2.01 -11.07
N HIS A 261 -52.11 1.26 -10.69
CA HIS A 261 -51.76 0.93 -9.27
C HIS A 261 -50.33 1.42 -8.99
N VAL A 262 -50.18 2.24 -7.94
CA VAL A 262 -48.90 2.91 -7.57
C VAL A 262 -48.46 2.38 -6.20
N GLN A 263 -47.28 1.77 -6.14
CA GLN A 263 -46.68 1.22 -4.89
C GLN A 263 -45.35 1.91 -4.65
N HIS A 264 -45.17 2.45 -3.45
CA HIS A 264 -43.97 3.24 -3.04
C HIS A 264 -43.91 3.20 -1.51
N GLU A 265 -42.70 3.10 -0.95
CA GLU A 265 -42.37 3.11 0.51
C GLU A 265 -42.96 4.34 1.21
N GLY A 266 -43.17 5.45 0.49
CA GLY A 266 -43.78 6.67 1.05
C GLY A 266 -45.30 6.60 1.22
N LEU A 267 -45.97 5.64 0.57
CA LEU A 267 -47.45 5.53 0.62
C LEU A 267 -47.84 4.64 1.79
N PRO A 268 -48.72 5.11 2.71
CA PRO A 268 -49.30 4.23 3.72
C PRO A 268 -49.95 2.99 3.07
N LYS A 269 -50.76 3.17 2.02
CA LYS A 269 -51.36 2.06 1.21
C LYS A 269 -51.19 2.34 -0.28
N PRO A 270 -51.05 1.30 -1.12
CA PRO A 270 -50.98 1.44 -2.58
C PRO A 270 -52.16 2.23 -3.17
N LEU A 271 -51.92 3.11 -4.13
CA LEU A 271 -52.96 4.00 -4.72
C LEU A 271 -53.56 3.30 -5.94
N THR A 272 -54.85 3.51 -6.18
CA THR A 272 -55.58 3.11 -7.41
C THR A 272 -56.09 4.39 -8.09
N LEU A 273 -55.93 4.50 -9.40
CA LEU A 273 -56.35 5.67 -10.21
C LEU A 273 -57.21 5.20 -11.38
N ARG A 274 -58.30 5.93 -11.68
CA ARG A 274 -59.20 5.69 -12.84
C ARG A 274 -59.29 6.97 -13.65
N TRP A 275 -59.49 6.86 -14.97
CA TRP A 275 -59.66 8.05 -15.84
C TRP A 275 -60.97 8.73 -15.45
N GLU A 276 -60.94 10.05 -15.18
CA GLU A 276 -62.13 10.89 -14.87
C GLU A 276 -62.22 12.00 -15.93
N PRO A 277 -63.08 11.85 -16.97
CA PRO A 277 -63.07 12.74 -18.13
C PRO A 277 -63.54 14.17 -17.83
N MET B 1 -15.87 -4.09 -28.48
CA MET B 1 -16.40 -2.70 -28.55
C MET B 1 -17.93 -2.74 -28.74
N ILE B 2 -18.68 -2.60 -27.67
CA ILE B 2 -20.17 -2.53 -27.75
C ILE B 2 -20.56 -1.06 -27.91
N GLN B 3 -21.59 -0.82 -28.69
CA GLN B 3 -22.23 0.52 -28.77
C GLN B 3 -23.68 0.35 -28.39
N ARG B 4 -24.22 1.37 -27.72
CA ARG B 4 -25.65 1.44 -27.35
C ARG B 4 -26.17 2.84 -27.66
N THR B 5 -27.32 2.90 -28.33
CA THR B 5 -27.96 4.16 -28.74
C THR B 5 -28.71 4.78 -27.55
N PRO B 6 -28.67 6.11 -27.40
CA PRO B 6 -29.35 6.76 -26.28
C PRO B 6 -30.89 6.73 -26.32
N LYS B 7 -31.49 6.48 -25.16
CA LYS B 7 -32.92 6.78 -24.85
C LYS B 7 -32.99 8.26 -24.49
N ILE B 8 -34.02 8.97 -24.94
CA ILE B 8 -34.15 10.45 -24.77
C ILE B 8 -35.54 10.73 -24.17
N GLN B 9 -35.55 11.49 -23.09
CA GLN B 9 -36.81 12.00 -22.48
C GLN B 9 -36.67 13.49 -22.28
N VAL B 10 -37.68 14.25 -22.69
CA VAL B 10 -37.72 15.72 -22.54
C VAL B 10 -38.92 16.09 -21.66
N TYR B 11 -38.71 16.92 -20.65
CA TYR B 11 -39.74 17.14 -19.63
C TYR B 11 -39.33 18.30 -18.75
N SER B 12 -40.29 18.81 -17.99
CA SER B 12 -40.10 19.90 -17.01
C SER B 12 -39.92 19.34 -15.59
N ARG B 13 -39.19 20.05 -14.74
CA ARG B 13 -38.91 19.58 -13.38
C ARG B 13 -40.23 19.51 -12.62
N HIS B 14 -41.03 20.57 -12.77
CA HIS B 14 -42.37 20.76 -12.15
C HIS B 14 -43.42 20.80 -13.26
N PRO B 15 -44.70 20.47 -12.93
CA PRO B 15 -45.80 20.63 -13.87
C PRO B 15 -45.82 22.05 -14.46
N ALA B 16 -45.95 22.14 -15.79
CA ALA B 16 -45.77 23.40 -16.56
C ALA B 16 -46.94 24.34 -16.28
N GLU B 17 -46.64 25.59 -15.95
CA GLU B 17 -47.64 26.67 -15.71
C GLU B 17 -47.13 27.93 -16.41
N ASN B 18 -47.82 28.39 -17.45
CA ASN B 18 -47.42 29.62 -18.21
C ASN B 18 -47.11 30.72 -17.19
N GLY B 19 -45.96 31.38 -17.33
CA GLY B 19 -45.49 32.47 -16.44
C GLY B 19 -44.80 32.02 -15.16
N LYS B 20 -44.78 30.72 -14.82
CA LYS B 20 -44.14 30.26 -13.56
C LYS B 20 -42.76 29.69 -13.92
N SER B 21 -41.71 30.18 -13.24
CA SER B 21 -40.30 29.76 -13.42
C SER B 21 -40.19 28.25 -13.17
N ASN B 22 -39.38 27.54 -13.98
CA ASN B 22 -39.32 26.05 -13.99
C ASN B 22 -37.97 25.64 -14.59
N PHE B 23 -37.73 24.34 -14.75
CA PHE B 23 -36.53 23.85 -15.46
C PHE B 23 -36.95 22.93 -16.60
N LEU B 24 -36.29 23.05 -17.75
CA LEU B 24 -36.45 22.12 -18.89
C LEU B 24 -35.31 21.09 -18.81
N ASN B 25 -35.67 19.81 -18.88
CA ASN B 25 -34.73 18.66 -18.77
C ASN B 25 -34.70 17.85 -20.06
N CYS B 26 -33.49 17.44 -20.42
CA CYS B 26 -33.29 16.38 -21.41
C CYS B 26 -32.46 15.28 -20.75
N TYR B 27 -33.10 14.17 -20.42
CA TYR B 27 -32.45 12.99 -19.79
C TYR B 27 -32.08 12.01 -20.90
N VAL B 28 -30.78 11.71 -21.04
CA VAL B 28 -30.27 10.75 -22.06
C VAL B 28 -29.66 9.61 -21.27
N SER B 29 -29.99 8.38 -21.63
CA SER B 29 -29.61 7.20 -20.84
C SER B 29 -29.44 6.00 -21.77
N GLY B 30 -28.82 4.93 -21.27
CA GLY B 30 -28.69 3.65 -21.95
C GLY B 30 -27.63 3.68 -23.04
N PHE B 31 -26.75 4.71 -23.08
CA PHE B 31 -25.82 4.90 -24.20
C PHE B 31 -24.40 4.47 -23.86
N HIS B 32 -23.68 4.12 -24.92
CA HIS B 32 -22.24 3.72 -24.89
C HIS B 32 -21.66 3.88 -26.29
N PRO B 33 -20.48 4.53 -26.48
CA PRO B 33 -19.67 5.12 -25.39
C PRO B 33 -20.21 6.46 -24.89
N SER B 34 -19.51 7.13 -23.98
CA SER B 34 -20.00 8.27 -23.16
C SER B 34 -20.03 9.59 -23.97
N ASP B 35 -19.27 9.68 -25.06
CA ASP B 35 -19.22 10.88 -25.93
CA ASP B 35 -19.23 10.93 -25.87
C ASP B 35 -20.62 11.11 -26.48
N ILE B 36 -21.22 12.24 -26.16
CA ILE B 36 -22.58 12.59 -26.65
C ILE B 36 -22.70 14.11 -26.78
N GLU B 37 -23.48 14.53 -27.77
CA GLU B 37 -23.77 15.97 -28.01
C GLU B 37 -25.27 16.16 -27.71
N VAL B 38 -25.57 16.99 -26.72
CA VAL B 38 -26.95 17.33 -26.29
C VAL B 38 -27.14 18.85 -26.27
N ASP B 39 -28.14 19.32 -27.02
CA ASP B 39 -28.58 20.73 -27.00
C ASP B 39 -30.05 20.83 -26.66
N LEU B 40 -30.41 21.88 -25.94
CA LEU B 40 -31.83 22.27 -25.77
C LEU B 40 -32.13 23.37 -26.78
N LEU B 41 -33.28 23.25 -27.46
CA LEU B 41 -33.70 24.20 -28.53
C LEU B 41 -34.94 24.96 -28.06
N LYS B 42 -34.98 26.25 -28.36
CA LYS B 42 -36.15 27.14 -28.16
C LYS B 42 -36.52 27.70 -29.53
N ASN B 43 -37.69 27.29 -30.05
CA ASN B 43 -38.09 27.45 -31.47
C ASN B 43 -36.84 27.26 -32.34
N GLY B 44 -36.11 26.17 -32.13
CA GLY B 44 -35.09 25.68 -33.08
C GLY B 44 -33.70 26.25 -32.84
N GLU B 45 -33.56 27.26 -31.98
CA GLU B 45 -32.27 27.94 -31.70
C GLU B 45 -31.68 27.31 -30.43
N ARG B 46 -30.38 27.03 -30.44
CA ARG B 46 -29.74 26.36 -29.28
C ARG B 46 -29.70 27.37 -28.11
N ILE B 47 -30.13 26.90 -26.95
CA ILE B 47 -30.01 27.66 -25.67
C ILE B 47 -28.56 27.54 -25.21
N GLU B 48 -27.94 28.66 -24.81
CA GLU B 48 -26.51 28.73 -24.40
C GLU B 48 -26.35 28.30 -22.93
N LYS B 49 -27.30 28.65 -22.06
CA LYS B 49 -27.15 28.45 -20.59
C LYS B 49 -27.63 27.03 -20.25
N VAL B 50 -26.95 25.99 -20.72
CA VAL B 50 -27.36 24.58 -20.43
C VAL B 50 -26.32 23.90 -19.55
N GLU B 51 -26.73 23.40 -18.40
CA GLU B 51 -25.85 22.65 -17.47
C GLU B 51 -26.15 21.16 -17.64
N HIS B 52 -25.28 20.33 -17.08
CA HIS B 52 -25.55 18.87 -17.05
C HIS B 52 -24.97 18.24 -15.79
N SER B 53 -25.59 17.11 -15.42
CA SER B 53 -25.18 16.25 -14.29
C SER B 53 -23.79 15.68 -14.56
N ASP B 54 -23.20 15.11 -13.51
CA ASP B 54 -21.91 14.42 -13.60
C ASP B 54 -22.14 13.02 -14.22
N LEU B 55 -21.33 12.63 -15.19
CA LEU B 55 -21.51 11.36 -15.90
C LEU B 55 -21.56 10.21 -14.91
N SER B 56 -22.56 9.37 -15.01
CA SER B 56 -22.74 8.19 -14.16
C SER B 56 -23.30 7.09 -15.05
N PHE B 57 -23.49 5.93 -14.49
CA PHE B 57 -23.92 4.75 -15.27
C PHE B 57 -24.78 3.82 -14.42
N SER B 58 -25.52 2.97 -15.12
CA SER B 58 -26.44 1.95 -14.62
C SER B 58 -25.75 0.59 -14.42
N LYS B 59 -26.48 -0.35 -13.82
CA LYS B 59 -26.00 -1.72 -13.51
C LYS B 59 -25.39 -2.36 -14.77
N ASP B 60 -25.97 -2.08 -15.94
CA ASP B 60 -25.54 -2.72 -17.22
C ASP B 60 -24.37 -1.95 -17.82
N TRP B 61 -23.82 -0.93 -17.10
CA TRP B 61 -22.68 -0.09 -17.54
C TRP B 61 -23.10 0.98 -18.54
N SER B 62 -24.36 1.10 -18.90
CA SER B 62 -24.73 2.18 -19.84
C SER B 62 -24.77 3.52 -19.10
N PHE B 63 -24.45 4.58 -19.81
CA PHE B 63 -24.30 5.96 -19.27
C PHE B 63 -25.63 6.69 -19.21
N TYR B 64 -25.75 7.64 -18.26
CA TYR B 64 -26.91 8.57 -18.22
C TYR B 64 -26.40 9.96 -17.83
N LEU B 65 -27.04 10.97 -18.40
CA LEU B 65 -26.83 12.41 -18.10
C LEU B 65 -28.19 13.10 -18.08
N LEU B 66 -28.33 14.11 -17.20
CA LEU B 66 -29.45 15.06 -17.26
C LEU B 66 -28.90 16.40 -17.75
N TYR B 67 -29.43 16.91 -18.86
CA TYR B 67 -29.19 18.31 -19.32
C TYR B 67 -30.37 19.18 -18.88
N TYR B 68 -30.12 20.40 -18.42
CA TYR B 68 -31.19 21.21 -17.80
C TYR B 68 -30.83 22.70 -17.92
N THR B 69 -31.87 23.53 -17.94
CA THR B 69 -31.80 25.01 -18.01
C THR B 69 -33.05 25.58 -17.35
N GLU B 70 -32.92 26.72 -16.65
CA GLU B 70 -34.09 27.46 -16.13
C GLU B 70 -34.84 27.98 -17.34
N PHE B 71 -36.16 27.98 -17.28
CA PHE B 71 -37.05 28.57 -18.30
C PHE B 71 -38.41 28.86 -17.67
N THR B 72 -39.16 29.70 -18.37
CA THR B 72 -40.55 30.08 -18.02
C THR B 72 -41.42 29.72 -19.22
N PRO B 73 -42.24 28.66 -19.12
CA PRO B 73 -43.09 28.25 -20.23
C PRO B 73 -44.04 29.40 -20.63
N THR B 74 -44.37 29.46 -21.92
CA THR B 74 -45.37 30.38 -22.53
C THR B 74 -46.27 29.51 -23.41
N GLU B 75 -47.36 30.05 -23.92
CA GLU B 75 -48.36 29.26 -24.68
C GLU B 75 -47.74 28.82 -26.01
N LYS B 76 -46.92 29.69 -26.64
CA LYS B 76 -46.57 29.58 -28.08
C LYS B 76 -45.16 29.02 -28.28
N ASP B 77 -44.25 29.19 -27.30
CA ASP B 77 -42.80 28.82 -27.44
C ASP B 77 -42.65 27.30 -27.44
N GLU B 78 -41.92 26.76 -28.44
CA GLU B 78 -41.71 25.31 -28.67
C GLU B 78 -40.29 24.96 -28.19
N TYR B 79 -40.17 23.93 -27.34
CA TYR B 79 -38.88 23.47 -26.77
C TYR B 79 -38.62 22.04 -27.23
N ALA B 80 -37.32 21.70 -27.38
CA ALA B 80 -36.91 20.37 -27.86
C ALA B 80 -35.50 20.07 -27.37
N CYS B 81 -35.14 18.80 -27.47
CA CYS B 81 -33.78 18.27 -27.20
C CYS B 81 -33.21 17.72 -28.51
N ARG B 82 -32.00 18.13 -28.90
CA ARG B 82 -31.28 17.58 -30.07
C ARG B 82 -30.10 16.71 -29.57
N VAL B 83 -30.06 15.45 -29.98
CA VAL B 83 -28.97 14.53 -29.55
C VAL B 83 -28.22 13.97 -30.76
N ASN B 84 -26.89 13.96 -30.64
CA ASN B 84 -26.00 13.26 -31.58
C ASN B 84 -25.05 12.36 -30.79
N HIS B 85 -24.83 11.19 -31.37
CA HIS B 85 -24.04 10.08 -30.80
C HIS B 85 -23.47 9.27 -31.95
N VAL B 86 -22.35 8.57 -31.75
CA VAL B 86 -21.74 7.71 -32.79
C VAL B 86 -22.76 6.72 -33.34
N THR B 87 -23.78 6.33 -32.58
CA THR B 87 -24.79 5.32 -33.01
C THR B 87 -25.85 5.95 -33.91
N LEU B 88 -25.85 7.27 -34.09
CA LEU B 88 -26.92 7.96 -34.85
C LEU B 88 -26.39 8.43 -36.21
N SER B 89 -27.10 8.11 -37.29
CA SER B 89 -26.70 8.54 -38.65
C SER B 89 -27.17 9.97 -38.86
N GLN B 90 -28.16 10.42 -38.08
CA GLN B 90 -28.68 11.81 -38.11
C GLN B 90 -28.96 12.24 -36.67
N PRO B 91 -28.85 13.55 -36.35
CA PRO B 91 -29.28 14.07 -35.06
C PRO B 91 -30.74 13.70 -34.79
N LYS B 92 -31.02 13.34 -33.55
CA LYS B 92 -32.36 12.93 -33.08
C LYS B 92 -32.97 14.14 -32.39
N ILE B 93 -34.12 14.61 -32.87
CA ILE B 93 -34.82 15.75 -32.20
C ILE B 93 -36.11 15.25 -31.53
N VAL B 94 -36.23 15.49 -30.24
CA VAL B 94 -37.42 15.12 -29.43
C VAL B 94 -38.08 16.37 -28.88
N LYS B 95 -39.37 16.56 -29.18
CA LYS B 95 -40.07 17.81 -28.81
C LYS B 95 -40.63 17.69 -27.39
N TRP B 96 -40.54 18.79 -26.64
CA TRP B 96 -41.23 18.87 -25.33
C TRP B 96 -42.75 18.90 -25.58
N ASP B 97 -43.45 17.91 -25.03
CA ASP B 97 -44.93 17.85 -25.00
C ASP B 97 -45.40 17.93 -23.55
N ARG B 98 -45.63 19.17 -23.09
CA ARG B 98 -46.13 19.56 -21.76
C ARG B 98 -47.33 18.70 -21.33
N ASP B 99 -48.19 18.28 -22.27
CA ASP B 99 -49.46 17.57 -21.91
C ASP B 99 -49.33 16.06 -22.11
N MET B 100 -48.12 15.53 -22.24
CA MET B 100 -47.89 14.05 -22.32
C MET B 100 -48.53 13.39 -21.10
N GLY C 1 -16.76 7.38 1.96
CA GLY C 1 -15.26 7.47 1.73
C GLY C 1 -14.81 6.46 0.73
N LEU C 2 -13.86 6.89 -0.10
CA LEU C 2 -13.23 6.05 -1.16
C LEU C 2 -12.37 4.90 -0.58
N TYR C 3 -12.33 3.79 -1.32
CA TYR C 3 -11.37 2.70 -1.12
C TYR C 3 -9.96 3.19 -1.41
N ASP C 4 -8.97 2.57 -0.78
CA ASP C 4 -7.55 2.96 -0.86
C ASP C 4 -6.66 1.89 -1.46
N GLY C 5 -7.22 0.93 -2.22
CA GLY C 5 -6.41 -0.13 -2.81
C GLY C 5 -5.51 0.38 -3.91
N MET C 6 -4.29 -0.12 -3.96
CA MET C 6 -3.25 0.29 -4.92
C MET C 6 -3.26 -0.55 -6.20
N GLU C 7 -4.04 -1.63 -6.22
CA GLU C 7 -4.02 -2.65 -7.32
C GLU C 7 -4.36 -2.02 -8.68
N HIS C 8 -3.55 -2.42 -9.67
CA HIS C 8 -3.77 -2.15 -11.12
C HIS C 8 -4.32 -3.41 -11.82
N LEU C 9 -5.01 -3.19 -12.92
CA LEU C 9 -5.42 -4.33 -13.81
C LEU C 9 -4.19 -4.97 -14.45
N LYS D 3 7.14 10.60 14.58
CA LYS D 3 5.96 11.47 14.20
C LYS D 3 4.80 10.58 13.71
N GLU D 4 4.72 10.24 12.43
CA GLU D 4 3.49 9.60 11.84
C GLU D 4 3.33 8.17 12.42
N VAL D 5 4.42 7.44 12.59
CA VAL D 5 4.36 6.03 13.12
C VAL D 5 5.35 5.96 14.30
N GLU D 6 4.88 5.56 15.48
CA GLU D 6 5.70 5.56 16.69
C GLU D 6 5.82 4.14 17.19
N GLN D 7 7.07 3.74 17.47
CA GLN D 7 7.43 2.50 18.16
C GLN D 7 8.51 2.90 19.18
N ASN D 8 8.53 2.30 20.36
CA ASN D 8 9.75 2.29 21.24
C ASN D 8 10.92 1.59 20.54
N SER D 9 12.11 2.22 20.49
CA SER D 9 13.35 1.69 19.86
C SER D 9 13.96 0.52 20.65
N GLY D 10 13.53 0.30 21.92
CA GLY D 10 14.12 -0.73 22.78
C GLY D 10 15.59 -0.39 23.06
N PRO D 11 16.49 -1.37 23.23
CA PRO D 11 16.19 -2.77 22.94
C PRO D 11 15.16 -3.37 23.91
N LEU D 12 14.37 -4.31 23.40
CA LEU D 12 13.41 -5.09 24.21
C LEU D 12 14.10 -6.41 24.49
N SER D 13 14.37 -6.65 25.77
CA SER D 13 14.99 -7.89 26.28
C SER D 13 13.88 -8.82 26.75
N VAL D 14 13.82 -10.01 26.15
CA VAL D 14 12.78 -11.05 26.38
C VAL D 14 13.49 -12.36 26.66
N PRO D 15 13.17 -13.06 27.78
CA PRO D 15 13.69 -14.40 28.01
C PRO D 15 13.19 -15.39 26.95
N GLU D 16 14.08 -16.22 26.43
CA GLU D 16 13.74 -17.39 25.60
C GLU D 16 12.48 -18.08 26.16
N GLY D 17 11.52 -18.40 25.27
CA GLY D 17 10.23 -19.05 25.59
C GLY D 17 9.11 -18.10 25.98
N ALA D 18 9.39 -16.83 26.31
CA ALA D 18 8.38 -15.84 26.71
C ALA D 18 7.83 -15.17 25.45
N ILE D 19 6.71 -14.49 25.61
CA ILE D 19 6.06 -13.70 24.55
C ILE D 19 6.85 -12.39 24.42
N ALA D 20 7.29 -12.09 23.20
CA ALA D 20 7.73 -10.73 22.84
C ALA D 20 6.50 -9.97 22.33
N SER D 21 6.28 -8.80 22.92
CA SER D 21 5.14 -7.90 22.65
C SER D 21 5.65 -6.60 21.99
N LEU D 22 5.40 -6.44 20.69
CA LEU D 22 5.85 -5.26 19.88
C LEU D 22 4.62 -4.37 19.58
N ASN D 23 4.71 -3.06 19.85
CA ASN D 23 3.54 -2.15 19.74
C ASN D 23 3.88 -0.96 18.84
N CYS D 24 2.83 -0.37 18.28
CA CYS D 24 2.97 0.64 17.21
C CYS D 24 1.76 1.55 17.27
N THR D 25 1.93 2.87 17.22
CA THR D 25 0.77 3.78 17.08
C THR D 25 1.00 4.68 15.86
N TYR D 26 -0.08 5.16 15.30
CA TYR D 26 -0.02 5.89 14.02
C TYR D 26 -0.99 7.07 14.10
N SER D 27 -0.65 8.16 13.42
CA SER D 27 -1.39 9.44 13.52
C SER D 27 -2.58 9.52 12.58
N ASP D 28 -2.51 8.96 11.36
CA ASP D 28 -3.57 9.19 10.33
C ASP D 28 -4.69 8.19 10.56
N ARG D 29 -5.83 8.68 11.03
CA ARG D 29 -6.99 7.84 11.42
C ARG D 29 -7.51 7.03 10.22
N GLY D 30 -7.35 7.54 9.00
CA GLY D 30 -7.90 6.85 7.82
C GLY D 30 -6.95 5.83 7.24
N SER D 31 -5.80 5.59 7.85
CA SER D 31 -4.84 4.62 7.29
C SER D 31 -5.50 3.24 7.09
N SER D 32 -5.26 2.59 5.96
CA SER D 32 -5.99 1.35 5.54
C SER D 32 -5.19 0.09 5.84
N SER D 33 -3.86 0.18 5.81
CA SER D 33 -2.98 -0.99 5.64
C SER D 33 -1.86 -0.91 6.68
N PHE D 34 -1.62 -2.01 7.36
CA PHE D 34 -0.67 -2.12 8.50
C PHE D 34 0.15 -3.37 8.31
N PHE D 35 1.47 -3.24 8.51
CA PHE D 35 2.42 -4.33 8.29
C PHE D 35 3.53 -4.36 9.36
N TRP D 36 3.93 -5.59 9.68
CA TRP D 36 5.19 -5.84 10.40
C TRP D 36 6.26 -6.37 9.47
N TYR D 37 7.42 -5.73 9.52
CA TYR D 37 8.62 -6.14 8.77
C TYR D 37 9.70 -6.55 9.76
N ARG D 38 10.37 -7.64 9.47
CA ARG D 38 11.53 -8.08 10.29
C ARG D 38 12.83 -7.79 9.54
N GLN D 39 13.80 -7.20 10.24
CA GLN D 39 15.13 -6.87 9.66
C GLN D 39 16.23 -7.45 10.56
N TYR D 40 16.86 -8.51 10.08
CA TYR D 40 18.10 -9.02 10.75
C TYR D 40 19.24 -8.01 10.59
N SER D 41 20.13 -7.98 11.58
CA SER D 41 21.28 -7.06 11.58
C SER D 41 22.04 -7.19 10.24
N GLY D 42 22.27 -6.08 9.56
CA GLY D 42 23.03 -6.06 8.30
C GLY D 42 22.25 -6.54 7.08
N LYS D 43 20.94 -6.84 7.20
CA LYS D 43 20.12 -7.46 6.13
C LYS D 43 18.98 -6.52 5.76
N SER D 44 18.14 -6.95 4.84
CA SER D 44 17.02 -6.14 4.31
CA SER D 44 17.03 -6.09 4.34
C SER D 44 15.74 -6.41 5.09
N PRO D 45 14.78 -5.46 5.11
CA PRO D 45 13.46 -5.70 5.68
C PRO D 45 12.69 -6.76 4.88
N GLU D 46 11.98 -7.64 5.60
CA GLU D 46 11.17 -8.77 5.06
C GLU D 46 9.78 -8.68 5.71
N LEU D 47 8.73 -8.61 4.90
CA LEU D 47 7.35 -8.65 5.40
C LEU D 47 7.12 -9.94 6.18
N ILE D 48 6.54 -9.83 7.38
CA ILE D 48 6.16 -11.05 8.15
C ILE D 48 4.65 -11.03 8.48
N MET D 49 3.95 -9.90 8.55
CA MET D 49 2.49 -9.87 8.86
C MET D 49 1.82 -8.68 8.20
N SER D 50 0.60 -8.92 7.71
CA SER D 50 -0.28 -7.91 7.05
C SER D 50 -1.58 -7.90 7.81
N ILE D 51 -2.15 -6.72 8.04
CA ILE D 51 -3.51 -6.63 8.65
C ILE D 51 -4.21 -5.38 8.14
N TYR D 52 -5.53 -5.52 7.96
CA TYR D 52 -6.36 -4.48 7.35
C TYR D 52 -7.63 -4.24 8.17
N ALA D 53 -8.09 -5.20 8.95
CA ALA D 53 -9.38 -5.01 9.67
C ALA D 53 -9.12 -5.11 11.18
N ASN D 54 -9.97 -4.48 11.97
CA ASN D 54 -9.99 -4.68 13.44
C ASN D 54 -10.08 -6.17 13.74
N GLY D 55 -9.20 -6.64 14.62
CA GLY D 55 -9.17 -8.03 15.08
C GLY D 55 -7.74 -8.52 15.07
N ASP D 56 -7.56 -9.83 15.04
CA ASP D 56 -6.24 -10.47 15.20
C ASP D 56 -6.08 -11.49 14.07
N LYS D 57 -4.83 -11.80 13.74
CA LYS D 57 -4.40 -12.74 12.68
C LYS D 57 -3.25 -13.52 13.30
N GLU D 58 -3.24 -14.85 13.17
CA GLU D 58 -2.12 -15.69 13.61
C GLU D 58 -1.44 -16.32 12.39
N ASP D 59 -0.14 -16.52 12.50
CA ASP D 59 0.70 -17.17 11.47
C ASP D 59 1.84 -17.83 12.21
N GLY D 60 1.73 -19.15 12.47
CA GLY D 60 2.63 -19.88 13.37
C GLY D 60 2.74 -19.21 14.72
N ARG D 61 3.95 -18.81 15.13
CA ARG D 61 4.22 -18.14 16.43
C ARG D 61 3.89 -16.64 16.42
N PHE D 62 3.47 -16.06 15.29
CA PHE D 62 3.17 -14.61 15.19
C PHE D 62 1.67 -14.35 15.39
N THR D 63 1.36 -13.34 16.17
CA THR D 63 -0.01 -12.74 16.17
C THR D 63 0.10 -11.25 15.86
N ALA D 64 -0.71 -10.76 14.93
CA ALA D 64 -0.89 -9.31 14.74
C ALA D 64 -2.31 -8.95 15.17
N GLN D 65 -2.47 -7.82 15.83
CA GLN D 65 -3.79 -7.29 16.22
C GLN D 65 -3.83 -5.79 15.89
N LEU D 66 -4.96 -5.35 15.34
CA LEU D 66 -5.19 -3.98 14.89
C LEU D 66 -6.41 -3.48 15.69
N ASN D 67 -6.26 -2.33 16.30
CA ASN D 67 -7.32 -1.53 16.96
C ASN D 67 -7.37 -0.16 16.27
N LYS D 68 -8.18 0.01 15.23
CA LYS D 68 -8.27 1.31 14.48
C LYS D 68 -8.83 2.45 15.36
N ALA D 69 -9.72 2.18 16.31
CA ALA D 69 -10.30 3.26 17.13
C ALA D 69 -9.22 3.86 18.02
N SER D 70 -8.30 3.03 18.55
CA SER D 70 -7.18 3.48 19.41
C SER D 70 -5.93 3.79 18.57
N GLN D 71 -5.96 3.52 17.27
CA GLN D 71 -4.82 3.73 16.33
C GLN D 71 -3.56 3.05 16.87
N TYR D 72 -3.70 1.77 17.16
CA TYR D 72 -2.74 0.89 17.86
C TYR D 72 -2.64 -0.43 17.10
N VAL D 73 -1.40 -0.88 16.83
CA VAL D 73 -1.14 -2.15 16.11
C VAL D 73 -0.06 -2.89 16.92
N SER D 74 -0.23 -4.19 17.10
CA SER D 74 0.66 -5.07 17.89
C SER D 74 1.13 -6.26 17.06
N LEU D 75 2.34 -6.71 17.37
CA LEU D 75 2.84 -8.05 17.03
C LEU D 75 3.22 -8.79 18.31
N LEU D 76 2.75 -10.02 18.46
CA LEU D 76 3.28 -10.95 19.49
C LEU D 76 4.13 -12.00 18.82
N ILE D 77 5.24 -12.34 19.47
CA ILE D 77 6.02 -13.53 19.13
C ILE D 77 5.93 -14.47 20.32
N ARG D 78 5.18 -15.55 20.11
CA ARG D 78 4.99 -16.60 21.14
C ARG D 78 6.22 -17.50 21.15
N ASP D 79 6.55 -18.06 22.32
CA ASP D 79 7.65 -19.05 22.43
C ASP D 79 8.93 -18.44 21.83
N SER D 80 9.35 -17.26 22.27
CA SER D 80 10.38 -16.46 21.54
C SER D 80 11.71 -17.20 21.60
N GLN D 81 12.47 -17.20 20.49
CA GLN D 81 13.77 -17.92 20.35
C GLN D 81 14.89 -16.91 20.16
N PRO D 82 16.17 -17.18 20.53
CA PRO D 82 17.24 -16.27 20.18
C PRO D 82 17.28 -15.91 18.69
N SER D 83 16.90 -16.80 17.78
CA SER D 83 16.95 -16.53 16.31
C SER D 83 15.88 -15.49 15.93
N ASP D 84 14.96 -15.14 16.83
CA ASP D 84 13.96 -14.06 16.58
C ASP D 84 14.61 -12.69 16.80
N SER D 85 15.86 -12.66 17.28
CA SER D 85 16.54 -11.40 17.64
C SER D 85 16.77 -10.62 16.35
N ALA D 86 16.18 -9.44 16.27
CA ALA D 86 16.12 -8.64 15.03
C ALA D 86 15.43 -7.32 15.31
N THR D 87 15.40 -6.41 14.32
CA THR D 87 14.60 -5.18 14.46
C THR D 87 13.25 -5.39 13.80
N TYR D 88 12.20 -5.01 14.49
CA TYR D 88 10.81 -5.18 14.02
C TYR D 88 10.31 -3.78 13.71
N LEU D 89 9.89 -3.61 12.45
CA LEU D 89 9.48 -2.31 11.91
C LEU D 89 7.97 -2.36 11.65
N CYS D 90 7.28 -1.44 12.27
CA CYS D 90 5.87 -1.19 11.95
C CYS D 90 5.81 -0.35 10.65
N ALA D 91 4.96 -0.71 9.70
CA ALA D 91 4.78 0.09 8.48
C ALA D 91 3.29 0.34 8.24
N VAL D 92 2.98 1.58 7.93
CA VAL D 92 1.56 1.99 7.82
C VAL D 92 1.42 2.76 6.52
N ARG D 93 0.37 2.47 5.72
CA ARG D 93 0.04 3.29 4.53
C ARG D 93 -1.05 4.29 4.88
N GLY D 94 -0.73 5.60 4.90
CA GLY D 94 -1.70 6.65 5.25
C GLY D 94 -2.78 6.84 4.19
N THR D 95 -3.77 7.67 4.53
CA THR D 95 -4.94 7.97 3.63
C THR D 95 -4.45 8.47 2.27
N GLY D 96 -4.77 7.72 1.20
CA GLY D 96 -4.45 8.13 -0.17
C GLY D 96 -2.97 8.08 -0.48
N ARG D 97 -2.15 7.51 0.41
CA ARG D 97 -0.70 7.38 0.18
C ARG D 97 -0.47 6.17 -0.73
N ARG D 98 0.65 6.17 -1.44
CA ARG D 98 1.07 5.05 -2.30
C ARG D 98 2.48 4.61 -1.93
N ALA D 99 2.93 4.95 -0.73
CA ALA D 99 4.19 4.39 -0.16
C ALA D 99 3.98 4.10 1.32
N LEU D 100 4.82 3.24 1.89
CA LEU D 100 4.70 2.90 3.33
C LEU D 100 5.43 3.96 4.12
N THR D 101 4.89 4.29 5.26
CA THR D 101 5.64 5.04 6.30
C THR D 101 6.12 4.05 7.34
N PHE D 102 7.41 3.95 7.59
CA PHE D 102 8.03 3.03 8.59
C PHE D 102 8.26 3.74 9.91
N GLY D 103 7.95 3.05 11.03
CA GLY D 103 8.43 3.46 12.36
C GLY D 103 9.94 3.28 12.45
N SER D 104 10.57 3.80 13.51
CA SER D 104 12.03 3.70 13.64
C SER D 104 12.43 2.32 14.15
N GLY D 105 11.49 1.45 14.48
CA GLY D 105 11.80 0.04 14.74
C GLY D 105 12.04 -0.19 16.22
N THR D 106 11.83 -1.43 16.63
CA THR D 106 12.13 -1.91 18.00
C THR D 106 13.11 -3.08 17.85
N ARG D 107 14.30 -2.96 18.46
CA ARG D 107 15.29 -4.03 18.40
C ARG D 107 14.92 -5.02 19.52
N LEU D 108 14.67 -6.26 19.13
CA LEU D 108 14.31 -7.38 20.02
C LEU D 108 15.56 -8.21 20.25
N GLN D 109 15.83 -8.51 21.51
CA GLN D 109 16.99 -9.32 21.94
C GLN D 109 16.37 -10.47 22.77
N VAL D 110 16.27 -11.66 22.21
CA VAL D 110 15.78 -12.87 22.94
C VAL D 110 17.01 -13.55 23.60
N GLN D 111 17.04 -13.54 24.92
CA GLN D 111 18.22 -13.99 25.69
C GLN D 111 18.09 -15.48 25.95
N PRO D 112 19.16 -16.24 25.72
CA PRO D 112 19.14 -17.69 25.89
C PRO D 112 19.00 -18.03 27.38
N ASN D 113 18.33 -19.14 27.69
CA ASN D 113 18.23 -19.57 29.11
C ASN D 113 19.44 -20.48 29.35
N ILE D 114 20.41 -19.99 30.11
CA ILE D 114 21.70 -20.68 30.39
C ILE D 114 21.46 -21.58 31.61
N GLN D 115 21.24 -22.86 31.32
CA GLN D 115 20.77 -23.91 32.28
C GLN D 115 21.79 -24.02 33.39
N ASN D 116 23.06 -24.19 33.02
CA ASN D 116 24.20 -24.43 33.96
C ASN D 116 25.29 -23.40 33.70
N PRO D 117 25.17 -22.16 34.24
CA PRO D 117 26.18 -21.12 34.00
C PRO D 117 27.54 -21.52 34.59
N ASP D 118 28.62 -21.18 33.91
CA ASP D 118 30.00 -21.50 34.35
C ASP D 118 30.91 -20.32 33.99
N PRO D 119 30.63 -19.13 34.56
CA PRO D 119 31.27 -17.89 34.13
C PRO D 119 32.78 -18.04 34.28
N ALA D 120 33.53 -17.64 33.25
CA ALA D 120 35.01 -17.73 33.26
C ALA D 120 35.58 -16.63 32.37
N VAL D 121 36.80 -16.22 32.69
CA VAL D 121 37.66 -15.40 31.79
C VAL D 121 38.92 -16.17 31.44
N TYR D 122 39.09 -16.44 30.14
CA TYR D 122 40.20 -17.22 29.55
C TYR D 122 41.14 -16.30 28.76
N GLN D 123 42.43 -16.64 28.71
CA GLN D 123 43.44 -15.93 27.88
C GLN D 123 43.69 -16.82 26.65
N LEU D 124 43.62 -16.24 25.45
CA LEU D 124 43.85 -16.92 24.14
C LEU D 124 45.10 -16.31 23.50
N ARG D 125 46.02 -17.12 22.97
CA ARG D 125 47.27 -16.58 22.37
C ARG D 125 47.12 -16.55 20.84
N ASP D 126 47.83 -15.64 20.16
CA ASP D 126 47.83 -15.50 18.67
C ASP D 126 48.36 -16.81 18.07
N SER D 127 47.73 -17.29 16.98
CA SER D 127 48.13 -18.51 16.25
C SER D 127 49.51 -18.29 15.60
N LYS D 128 49.70 -17.16 14.89
CA LYS D 128 51.06 -16.67 14.52
C LYS D 128 51.74 -16.28 15.83
N SER D 129 52.95 -16.81 16.09
CA SER D 129 53.70 -16.57 17.34
C SER D 129 53.84 -15.05 17.53
N SER D 130 53.74 -14.59 18.77
CA SER D 130 53.89 -13.17 19.18
C SER D 130 53.58 -13.04 20.69
N ASP D 131 53.73 -11.84 21.23
CA ASP D 131 53.33 -11.47 22.61
C ASP D 131 51.82 -11.14 22.64
N LYS D 132 51.11 -11.36 21.53
CA LYS D 132 49.70 -10.93 21.30
C LYS D 132 48.74 -11.92 21.99
N SER D 133 47.68 -11.38 22.60
CA SER D 133 46.57 -12.17 23.19
C SER D 133 45.26 -11.38 23.26
N VAL D 134 44.16 -12.10 23.48
CA VAL D 134 42.81 -11.54 23.80
C VAL D 134 42.31 -12.22 25.08
N CYS D 135 41.33 -11.61 25.74
CA CYS D 135 40.64 -12.15 26.94
C CYS D 135 39.19 -12.47 26.54
N LEU D 136 38.74 -13.69 26.85
CA LEU D 136 37.36 -14.16 26.58
C LEU D 136 36.62 -14.40 27.89
N PHE D 137 35.57 -13.62 28.14
CA PHE D 137 34.57 -13.78 29.23
C PHE D 137 33.47 -14.64 28.64
N THR D 138 33.15 -15.79 29.23
CA THR D 138 32.21 -16.71 28.59
C THR D 138 31.43 -17.51 29.63
N ASP D 139 30.29 -18.00 29.19
CA ASP D 139 29.47 -19.04 29.85
C ASP D 139 28.72 -18.43 31.03
N PHE D 140 28.51 -17.10 31.03
CA PHE D 140 27.76 -16.36 32.06
C PHE D 140 26.28 -16.36 31.69
N ASP D 141 25.43 -16.29 32.69
CA ASP D 141 23.95 -16.22 32.56
C ASP D 141 23.57 -14.95 31.78
N SER D 142 22.37 -14.94 31.20
CA SER D 142 21.95 -13.83 30.30
C SER D 142 21.64 -12.54 31.07
N GLN D 143 21.54 -12.58 32.40
CA GLN D 143 21.23 -11.35 33.19
C GLN D 143 22.49 -10.51 33.40
N THR D 144 23.70 -11.09 33.31
CA THR D 144 24.98 -10.33 33.29
C THR D 144 25.02 -9.38 32.07
N ASN D 145 25.31 -8.10 32.32
CA ASN D 145 25.58 -7.05 31.30
C ASN D 145 27.08 -6.77 31.26
N VAL D 146 27.64 -6.60 30.06
CA VAL D 146 29.08 -6.25 29.85
C VAL D 146 29.16 -4.75 29.54
N SER D 147 29.92 -4.01 30.36
CA SER D 147 30.17 -2.55 30.26
C SER D 147 31.30 -2.29 29.26
N GLN D 148 31.17 -1.19 28.50
CA GLN D 148 32.25 -0.65 27.63
C GLN D 148 33.45 -0.36 28.53
N SER D 149 34.65 -0.26 27.96
CA SER D 149 35.93 -0.02 28.67
C SER D 149 35.99 1.41 29.25
N LYS D 150 36.63 1.59 30.41
CA LYS D 150 36.96 2.92 31.02
C LYS D 150 38.05 3.59 30.16
N ASP D 151 39.18 2.91 30.00
CA ASP D 151 40.36 3.28 29.18
C ASP D 151 39.99 3.23 27.69
N SER D 152 40.74 3.95 26.85
CA SER D 152 40.51 4.10 25.39
C SER D 152 41.42 3.19 24.56
N ASP D 153 42.49 2.64 25.16
CA ASP D 153 43.39 1.61 24.57
C ASP D 153 43.01 0.21 25.07
N VAL D 154 41.90 0.07 25.80
CA VAL D 154 41.25 -1.25 26.14
C VAL D 154 39.93 -1.38 25.36
N TYR D 155 39.83 -2.42 24.52
CA TYR D 155 38.68 -2.70 23.63
C TYR D 155 37.87 -3.85 24.24
N ILE D 156 36.58 -3.64 24.47
CA ILE D 156 35.66 -4.67 25.05
C ILE D 156 34.43 -4.70 24.16
N THR D 157 34.10 -5.88 23.62
CA THR D 157 32.90 -6.06 22.78
C THR D 157 31.67 -6.18 23.68
N ASP D 158 30.50 -6.03 23.09
CA ASP D 158 29.23 -6.38 23.76
CA ASP D 158 29.20 -6.38 23.72
C ASP D 158 29.12 -7.91 23.82
N LYS D 159 28.23 -8.42 24.69
CA LYS D 159 28.00 -9.88 24.74
C LYS D 159 27.37 -10.29 23.42
N CYS D 160 27.72 -11.48 22.98
CA CYS D 160 27.36 -12.15 21.71
C CYS D 160 26.82 -13.54 22.10
N VAL D 161 25.68 -13.96 21.54
CA VAL D 161 25.12 -15.33 21.74
C VAL D 161 25.57 -16.22 20.58
N LEU D 162 26.26 -17.31 20.93
CA LEU D 162 26.75 -18.34 19.98
C LEU D 162 25.86 -19.59 20.15
N ASP D 163 25.35 -20.16 19.06
CA ASP D 163 24.48 -21.38 19.09
C ASP D 163 25.25 -22.56 18.49
N MET D 164 25.75 -23.47 19.32
CA MET D 164 26.36 -24.72 18.79
C MET D 164 25.19 -25.66 18.44
N ARG D 165 24.72 -25.58 17.20
N ARG D 165 24.67 -25.56 17.21
CA ARG D 165 23.37 -26.09 16.79
CA ARG D 165 23.33 -26.11 16.87
C ARG D 165 23.28 -27.62 16.93
C ARG D 165 23.29 -27.63 17.06
N SER D 166 24.39 -28.34 16.79
CA SER D 166 24.42 -29.84 16.83
C SER D 166 24.17 -30.32 18.27
N MET D 167 24.63 -29.55 19.26
CA MET D 167 24.50 -29.93 20.68
C MET D 167 23.36 -29.12 21.31
N ASP D 168 22.66 -28.30 20.52
CA ASP D 168 21.58 -27.41 20.97
C ASP D 168 22.08 -26.62 22.19
N PHE D 169 23.33 -26.14 22.13
CA PHE D 169 24.03 -25.48 23.26
C PHE D 169 24.28 -24.00 22.90
N LYS D 170 23.69 -23.08 23.65
CA LYS D 170 23.96 -21.62 23.47
C LYS D 170 24.87 -21.13 24.60
N SER D 171 25.78 -20.20 24.30
CA SER D 171 26.60 -19.56 25.35
C SER D 171 26.82 -18.08 25.01
N ASN D 172 26.91 -17.27 26.04
CA ASN D 172 27.22 -15.82 25.99
C ASN D 172 28.74 -15.68 25.99
N SER D 173 29.28 -14.69 25.29
CA SER D 173 30.70 -14.31 25.45
C SER D 173 30.91 -12.83 25.13
N ALA D 174 31.97 -12.28 25.66
CA ALA D 174 32.54 -10.95 25.29
C ALA D 174 34.06 -11.05 25.20
N VAL D 175 34.63 -10.18 24.39
CA VAL D 175 36.07 -10.27 24.07
C VAL D 175 36.69 -8.92 24.45
N ALA D 176 37.87 -8.97 25.08
CA ALA D 176 38.65 -7.76 25.45
C ALA D 176 40.11 -7.91 25.01
N TRP D 177 40.69 -6.84 24.48
CA TRP D 177 42.11 -6.85 24.04
C TRP D 177 42.71 -5.45 24.21
N SER D 178 44.04 -5.39 24.28
CA SER D 178 44.85 -4.17 24.48
C SER D 178 46.29 -4.48 24.07
N ASN D 179 47.08 -3.47 23.72
CA ASN D 179 48.53 -3.63 23.46
C ASN D 179 49.30 -3.13 24.69
N LYS D 180 48.74 -2.17 25.42
CA LYS D 180 49.15 -1.77 26.80
C LYS D 180 49.79 -2.97 27.50
N SER D 181 51.05 -2.83 27.92
CA SER D 181 51.84 -3.90 28.60
C SER D 181 51.17 -4.37 29.90
N ASP D 182 50.45 -3.50 30.63
CA ASP D 182 49.93 -3.79 31.99
C ASP D 182 48.47 -4.27 31.99
N PHE D 183 47.89 -4.50 30.80
CA PHE D 183 46.54 -5.12 30.66
C PHE D 183 46.65 -6.63 30.95
N ALA D 184 45.77 -7.15 31.81
CA ALA D 184 45.67 -8.60 32.11
C ALA D 184 44.21 -9.04 32.14
N CYS D 185 43.94 -10.28 31.71
CA CYS D 185 42.59 -10.90 31.77
C CYS D 185 42.03 -10.73 33.19
N ALA D 186 42.86 -10.88 34.23
CA ALA D 186 42.45 -10.71 35.64
C ALA D 186 41.66 -9.40 35.85
N ASN D 187 42.03 -8.30 35.16
CA ASN D 187 41.41 -6.95 35.36
C ASN D 187 40.61 -6.49 34.12
N ALA D 188 40.65 -7.22 33.01
CA ALA D 188 40.01 -6.82 31.72
C ALA D 188 38.55 -6.40 31.93
N PHE D 189 37.75 -7.17 32.66
CA PHE D 189 36.29 -6.89 32.80
C PHE D 189 35.97 -6.23 34.16
N ASN D 190 36.89 -5.44 34.72
CA ASN D 190 36.77 -4.80 36.08
C ASN D 190 35.65 -3.77 36.10
N ASN D 191 35.36 -3.15 34.96
CA ASN D 191 34.34 -2.08 34.85
C ASN D 191 32.95 -2.71 34.72
N SER D 192 32.86 -4.04 34.72
CA SER D 192 31.58 -4.80 34.60
C SER D 192 31.21 -5.43 35.96
N ILE D 193 29.91 -5.48 36.25
CA ILE D 193 29.31 -6.33 37.33
C ILE D 193 29.25 -7.77 36.79
N ILE D 194 30.23 -8.58 37.19
CA ILE D 194 30.42 -9.99 36.75
C ILE D 194 30.11 -10.89 37.95
N PRO D 195 29.70 -12.16 37.71
CA PRO D 195 29.28 -13.05 38.80
C PRO D 195 30.43 -13.30 39.79
N GLU D 196 30.12 -13.28 41.09
CA GLU D 196 31.09 -13.51 42.19
C GLU D 196 31.87 -14.81 41.93
N ASP D 197 31.20 -15.85 41.41
CA ASP D 197 31.80 -17.21 41.26
C ASP D 197 32.59 -17.34 39.94
N THR D 198 32.88 -16.22 39.24
CA THR D 198 33.57 -16.25 37.91
C THR D 198 34.92 -16.94 38.09
N PHE D 199 35.27 -17.87 37.20
CA PHE D 199 36.53 -18.67 37.24
C PHE D 199 37.66 -17.94 36.50
N PHE D 200 38.80 -17.75 37.16
CA PHE D 200 40.01 -17.11 36.57
C PHE D 200 41.18 -18.09 36.68
N PRO D 201 41.50 -18.88 35.63
CA PRO D 201 42.77 -19.62 35.61
C PRO D 201 43.99 -18.68 35.52
N SER D 202 45.07 -18.98 36.24
CA SER D 202 46.36 -18.23 36.21
C SER D 202 47.03 -18.38 34.84
N ALA E 3 14.75 -13.74 -9.28
CA ALA E 3 13.25 -13.59 -9.26
C ALA E 3 12.85 -12.65 -8.11
N GLY E 4 13.21 -11.36 -8.21
CA GLY E 4 12.94 -10.38 -7.15
C GLY E 4 13.52 -9.02 -7.48
N VAL E 5 14.03 -8.32 -6.46
CA VAL E 5 14.57 -6.95 -6.60
C VAL E 5 16.10 -7.06 -6.62
N THR E 6 16.75 -6.60 -7.70
CA THR E 6 18.23 -6.69 -7.84
C THR E 6 18.82 -5.28 -7.76
N GLN E 7 19.49 -5.02 -6.65
CA GLN E 7 20.08 -3.71 -6.31
C GLN E 7 21.61 -3.86 -6.31
N THR E 8 22.33 -2.97 -6.97
CA THR E 8 23.81 -2.94 -6.96
C THR E 8 24.28 -1.49 -6.81
N PRO E 9 25.47 -1.23 -6.21
CA PRO E 9 26.33 -2.27 -5.62
C PRO E 9 26.05 -2.54 -4.13
N LYS E 10 26.66 -3.57 -3.55
CA LYS E 10 26.40 -3.90 -2.12
C LYS E 10 27.10 -2.84 -1.27
N PHE E 11 28.29 -2.38 -1.68
CA PHE E 11 29.14 -1.43 -0.91
C PHE E 11 29.68 -0.40 -1.89
N ARG E 12 29.88 0.83 -1.40
CA ARG E 12 30.52 1.87 -2.21
C ARG E 12 31.21 2.91 -1.32
N ILE E 13 32.41 3.31 -1.69
CA ILE E 13 33.10 4.50 -1.13
C ILE E 13 32.98 5.63 -2.16
N LEU E 14 32.58 6.84 -1.74
CA LEU E 14 32.65 8.08 -2.57
C LEU E 14 33.50 9.13 -1.87
N LYS E 15 34.31 9.88 -2.60
CA LYS E 15 34.88 11.12 -2.02
C LYS E 15 33.81 12.23 -2.10
N ILE E 16 33.89 13.17 -1.16
CA ILE E 16 33.01 14.36 -1.11
C ILE E 16 33.01 15.01 -2.51
N GLY E 17 31.81 15.28 -3.05
CA GLY E 17 31.58 15.87 -4.39
C GLY E 17 31.45 14.86 -5.52
N GLN E 18 31.81 13.58 -5.34
CA GLN E 18 31.71 12.58 -6.44
C GLN E 18 30.23 12.25 -6.67
N SER E 19 29.93 11.66 -7.83
CA SER E 19 28.59 11.20 -8.30
C SER E 19 28.57 9.68 -8.34
N MET E 20 27.40 9.07 -8.14
CA MET E 20 27.23 7.65 -8.47
C MET E 20 25.76 7.38 -8.78
N THR E 21 25.56 6.24 -9.44
CA THR E 21 24.22 5.71 -9.73
C THR E 21 24.10 4.42 -8.93
N LEU E 22 23.03 4.32 -8.14
CA LEU E 22 22.63 3.04 -7.50
C LEU E 22 21.65 2.36 -8.44
N GLN E 23 21.95 1.13 -8.85
CA GLN E 23 21.10 0.38 -9.81
C GLN E 23 19.98 -0.32 -9.02
N CYS E 24 18.77 -0.26 -9.55
CA CYS E 24 17.66 -1.11 -9.07
C CYS E 24 16.81 -1.62 -10.23
N ALA E 25 16.60 -2.93 -10.27
CA ALA E 25 15.81 -3.63 -11.30
C ALA E 25 14.88 -4.64 -10.63
N GLN E 26 13.65 -4.82 -11.15
CA GLN E 26 12.81 -5.98 -10.73
C GLN E 26 12.17 -6.59 -11.98
N ASP E 27 11.95 -7.90 -11.90
CA ASP E 27 11.43 -8.78 -12.99
C ASP E 27 10.02 -9.26 -12.61
N MET E 28 9.28 -8.51 -11.79
CA MET E 28 7.96 -8.95 -11.26
C MET E 28 6.83 -8.14 -11.94
N ASN E 29 7.18 -7.17 -12.80
CA ASN E 29 6.25 -6.24 -13.50
C ASN E 29 5.53 -5.30 -12.51
N HIS E 30 6.12 -5.08 -11.35
CA HIS E 30 5.55 -4.19 -10.31
C HIS E 30 5.48 -2.76 -10.80
N ASN E 31 4.32 -2.12 -10.61
CA ASN E 31 4.07 -0.72 -10.99
C ASN E 31 4.79 0.21 -10.02
N TYR E 32 4.91 -0.21 -8.77
CA TYR E 32 5.41 0.70 -7.70
C TYR E 32 6.85 0.33 -7.35
N MET E 33 7.70 1.34 -7.36
CA MET E 33 9.07 1.23 -6.85
C MET E 33 9.43 2.40 -5.92
N TYR E 34 10.46 2.17 -5.11
CA TYR E 34 10.78 3.03 -3.94
C TYR E 34 12.28 3.02 -3.69
N TRP E 35 12.77 4.14 -3.16
CA TRP E 35 14.10 4.24 -2.53
C TRP E 35 13.92 4.79 -1.13
N TYR E 36 14.46 4.06 -0.15
CA TYR E 36 14.53 4.47 1.27
C TYR E 36 16.00 4.55 1.69
N ARG E 37 16.30 5.37 2.69
CA ARG E 37 17.62 5.27 3.35
C ARG E 37 17.42 5.00 4.84
N GLN E 38 18.41 4.38 5.43
CA GLN E 38 18.36 3.96 6.85
C GLN E 38 19.68 4.31 7.50
N ASP E 39 19.70 5.25 8.43
CA ASP E 39 20.92 5.53 9.23
C ASP E 39 21.04 4.51 10.38
N PRO E 40 22.25 4.32 10.97
CA PRO E 40 22.44 3.39 12.10
C PRO E 40 21.42 3.43 13.24
N GLY E 41 20.88 2.25 13.62
CA GLY E 41 19.87 2.07 14.68
C GLY E 41 18.55 2.78 14.42
N MET E 42 18.35 3.39 13.23
CA MET E 42 17.15 4.22 12.93
C MET E 42 16.22 3.47 11.97
N GLY E 43 15.13 4.13 11.57
CA GLY E 43 14.11 3.55 10.68
C GLY E 43 14.37 3.93 9.23
N LEU E 44 13.53 3.43 8.34
CA LEU E 44 13.56 3.76 6.89
C LEU E 44 12.90 5.11 6.65
N LYS E 45 13.55 5.94 5.83
CA LYS E 45 13.00 7.23 5.33
C LYS E 45 12.88 7.18 3.81
N LEU E 46 11.74 7.57 3.27
CA LEU E 46 11.47 7.53 1.79
C LEU E 46 12.21 8.68 1.12
N ILE E 47 13.00 8.36 0.13
CA ILE E 47 13.71 9.39 -0.69
C ILE E 47 12.77 9.81 -1.83
N TYR E 48 12.45 8.86 -2.70
CA TYR E 48 11.65 9.05 -3.94
C TYR E 48 10.83 7.78 -4.15
N TYR E 49 9.68 7.91 -4.80
CA TYR E 49 8.90 6.73 -5.23
C TYR E 49 8.33 6.95 -6.61
N SER E 50 7.96 5.86 -7.26
CA SER E 50 7.37 5.85 -8.63
C SER E 50 6.15 4.94 -8.67
N VAL E 51 5.01 5.44 -9.16
CA VAL E 51 3.71 4.71 -9.24
C VAL E 51 3.56 4.08 -10.64
N GLY E 52 4.52 4.34 -11.53
CA GLY E 52 4.57 3.68 -12.84
C GLY E 52 5.60 4.36 -13.74
N ALA E 53 5.89 3.72 -14.87
CA ALA E 53 6.77 4.23 -15.95
C ALA E 53 6.51 5.74 -16.18
N GLY E 54 7.57 6.54 -16.14
CA GLY E 54 7.52 7.98 -16.44
C GLY E 54 6.98 8.83 -15.31
N ILE E 55 6.62 8.23 -14.17
CA ILE E 55 6.04 8.99 -13.03
C ILE E 55 6.96 8.79 -11.82
N THR E 56 7.39 9.88 -11.22
CA THR E 56 8.30 9.88 -10.05
C THR E 56 7.80 10.99 -9.16
N ASP E 57 7.89 10.84 -7.83
CA ASP E 57 7.49 11.87 -6.84
C ASP E 57 8.43 11.80 -5.63
N LYS E 58 8.54 12.95 -4.97
CA LYS E 58 9.43 13.20 -3.82
C LYS E 58 8.90 12.46 -2.61
N GLY E 59 9.80 11.87 -1.81
CA GLY E 59 9.43 11.37 -0.48
C GLY E 59 9.65 12.40 0.61
N GLU E 60 9.96 11.91 1.81
CA GLU E 60 10.23 12.68 3.05
C GLU E 60 11.63 13.31 3.06
N VAL E 61 12.66 12.71 2.44
CA VAL E 61 14.07 13.22 2.50
C VAL E 61 14.66 13.25 1.10
N PRO E 62 14.06 13.99 0.15
CA PRO E 62 14.53 14.02 -1.24
C PRO E 62 15.75 14.90 -1.56
N ASN E 63 16.09 15.88 -0.71
CA ASN E 63 17.18 16.86 -1.02
C ASN E 63 18.50 16.11 -1.14
N GLY E 64 19.22 16.27 -2.26
CA GLY E 64 20.45 15.52 -2.57
C GLY E 64 20.33 14.63 -3.81
N TYR E 65 19.15 14.05 -4.10
CA TYR E 65 19.02 12.87 -4.99
C TYR E 65 18.14 13.14 -6.22
N ASN E 66 18.29 12.31 -7.26
CA ASN E 66 17.39 12.28 -8.44
CA ASN E 66 17.30 12.26 -8.36
C ASN E 66 17.17 10.82 -8.89
N VAL E 67 16.02 10.54 -9.49
CA VAL E 67 15.63 9.19 -9.93
C VAL E 67 15.05 9.30 -11.33
N SER E 68 15.03 8.20 -12.07
CA SER E 68 14.22 8.13 -13.30
C SER E 68 13.55 6.75 -13.39
N ARG E 69 12.38 6.74 -14.00
CA ARG E 69 11.56 5.54 -14.25
C ARG E 69 11.20 5.61 -15.73
N SER E 70 12.19 5.44 -16.59
CA SER E 70 11.96 5.33 -18.06
C SER E 70 11.14 4.07 -18.33
N THR E 71 11.44 2.97 -17.61
CA THR E 71 10.91 1.60 -17.81
C THR E 71 10.27 1.04 -16.52
N THR E 72 9.48 -0.02 -16.68
CA THR E 72 8.79 -0.70 -15.57
C THR E 72 9.85 -1.39 -14.69
N GLU E 73 10.91 -1.92 -15.28
CA GLU E 73 11.86 -2.81 -14.58
C GLU E 73 12.84 -1.98 -13.72
N ASP E 74 13.13 -0.73 -14.09
CA ASP E 74 14.36 -0.06 -13.59
C ASP E 74 14.03 1.25 -12.89
N PHE E 75 14.66 1.49 -11.75
CA PHE E 75 14.50 2.73 -10.95
C PHE E 75 15.85 3.14 -10.38
N PRO E 76 16.78 3.66 -11.24
CA PRO E 76 18.07 4.15 -10.74
C PRO E 76 17.98 5.37 -9.83
N LEU E 77 18.82 5.37 -8.80
CA LEU E 77 18.97 6.52 -7.88
C LEU E 77 20.33 7.14 -8.15
N ARG E 78 20.32 8.43 -8.49
CA ARG E 78 21.56 9.18 -8.80
C ARG E 78 21.91 10.00 -7.56
N LEU E 79 23.12 9.83 -7.02
CA LEU E 79 23.72 10.78 -6.05
C LEU E 79 24.61 11.70 -6.87
N GLU E 80 24.35 13.00 -6.78
CA GLU E 80 24.88 14.01 -7.73
C GLU E 80 26.21 14.53 -7.22
N LEU E 81 26.28 14.80 -5.90
CA LEU E 81 27.37 15.53 -5.22
C LEU E 81 27.57 15.00 -3.79
N ALA E 82 28.36 13.94 -3.62
CA ALA E 82 28.41 13.19 -2.34
C ALA E 82 28.73 14.14 -1.18
N ALA E 83 27.90 14.14 -0.14
CA ALA E 83 28.10 14.86 1.15
C ALA E 83 28.18 13.86 2.31
N PRO E 84 28.85 14.21 3.44
CA PRO E 84 28.96 13.29 4.57
C PRO E 84 27.62 12.87 5.19
N SER E 85 26.59 13.74 5.13
CA SER E 85 25.22 13.49 5.61
C SER E 85 24.58 12.30 4.85
N GLN E 86 25.06 11.99 3.64
CA GLN E 86 24.55 10.90 2.77
C GLN E 86 25.18 9.52 3.05
N THR E 87 26.13 9.43 3.98
CA THR E 87 26.62 8.12 4.47
C THR E 87 25.40 7.41 5.07
N SER E 88 25.02 6.22 4.57
CA SER E 88 23.75 5.57 4.99
C SER E 88 23.65 4.22 4.28
N VAL E 89 22.60 3.47 4.59
CA VAL E 89 22.27 2.27 3.81
C VAL E 89 21.06 2.64 2.96
N TYR E 90 21.11 2.33 1.68
CA TYR E 90 20.06 2.63 0.71
C TYR E 90 19.35 1.32 0.34
N PHE E 91 18.01 1.33 0.44
CA PHE E 91 17.20 0.19 -0.02
C PHE E 91 16.25 0.61 -1.15
N CYS E 92 16.25 -0.18 -2.21
CA CYS E 92 15.28 -0.16 -3.32
C CYS E 92 14.16 -1.11 -2.92
N ALA E 93 12.88 -0.79 -3.18
CA ALA E 93 11.81 -1.79 -2.98
C ALA E 93 10.81 -1.70 -4.13
N SER E 94 10.16 -2.80 -4.44
CA SER E 94 9.00 -2.79 -5.36
C SER E 94 7.74 -3.30 -4.67
N SER E 95 6.58 -2.95 -5.22
CA SER E 95 5.30 -3.53 -4.77
C SER E 95 4.35 -3.69 -5.97
N PHE E 96 3.52 -4.72 -5.97
CA PHE E 96 2.29 -4.74 -6.79
C PHE E 96 1.18 -3.92 -6.11
N ALA E 97 0.93 -4.13 -4.82
CA ALA E 97 -0.17 -3.52 -4.06
C ALA E 97 -0.01 -3.65 -2.56
N THR E 98 0.59 -4.74 -2.08
CA THR E 98 0.50 -5.11 -0.65
C THR E 98 1.94 -5.16 -0.13
N GLU E 99 2.54 -6.31 -0.24
CA GLU E 99 3.96 -6.54 0.15
C GLU E 99 4.91 -5.59 -0.58
N ALA E 100 5.87 -4.97 0.15
CA ALA E 100 7.03 -4.26 -0.44
C ALA E 100 8.22 -5.23 -0.40
N PHE E 101 8.81 -5.53 -1.55
CA PHE E 101 9.96 -6.47 -1.73
C PHE E 101 11.20 -5.62 -1.75
N PHE E 102 12.14 -5.85 -0.83
CA PHE E 102 13.36 -5.04 -0.68
C PHE E 102 14.55 -5.69 -1.41
N GLY E 103 15.32 -4.83 -2.05
CA GLY E 103 16.70 -5.14 -2.48
C GLY E 103 17.66 -5.47 -1.35
N GLN E 104 18.87 -5.88 -1.69
CA GLN E 104 19.91 -6.30 -0.70
C GLN E 104 20.47 -5.10 0.08
N GLY E 105 20.28 -3.90 -0.44
CA GLY E 105 20.80 -2.67 0.17
C GLY E 105 22.18 -2.34 -0.34
N THR E 106 22.50 -1.04 -0.29
CA THR E 106 23.78 -0.44 -0.68
C THR E 106 24.32 0.32 0.53
N ARG E 107 25.46 -0.14 1.06
CA ARG E 107 26.15 0.55 2.18
CA ARG E 107 26.15 0.56 2.18
C ARG E 107 27.07 1.59 1.53
N LEU E 108 26.75 2.86 1.69
CA LEU E 108 27.56 3.97 1.11
C LEU E 108 28.25 4.74 2.24
N THR E 109 29.58 4.87 2.17
CA THR E 109 30.34 5.82 3.02
C THR E 109 30.95 6.93 2.16
N VAL E 110 30.70 8.15 2.55
CA VAL E 110 31.30 9.36 1.90
C VAL E 110 32.52 9.76 2.70
N VAL E 111 33.69 9.81 2.06
CA VAL E 111 34.97 10.10 2.76
C VAL E 111 35.51 11.47 2.30
N GLU E 112 36.17 12.20 3.21
CA GLU E 112 36.83 13.49 2.84
C GLU E 112 38.03 13.20 1.94
N ASP E 113 38.67 12.05 2.14
CA ASP E 113 40.00 11.73 1.58
C ASP E 113 40.11 10.20 1.44
N LEU E 114 40.51 9.70 0.26
CA LEU E 114 40.71 8.25 0.02
C LEU E 114 41.90 7.76 0.86
N ASN E 115 42.75 8.65 1.37
CA ASN E 115 43.91 8.33 2.24
C ASN E 115 43.43 7.87 3.63
N LYS E 116 42.15 8.00 3.93
CA LYS E 116 41.58 7.50 5.21
C LYS E 116 41.12 6.03 5.05
N VAL E 117 41.19 5.45 3.85
CA VAL E 117 40.76 4.05 3.62
C VAL E 117 41.87 3.07 4.02
N PHE E 118 41.54 2.02 4.79
CA PHE E 118 42.53 1.02 5.26
C PHE E 118 41.90 -0.36 5.29
N PRO E 119 42.59 -1.41 4.81
CA PRO E 119 42.04 -2.76 4.88
C PRO E 119 42.24 -3.26 6.31
N PRO E 120 41.55 -4.35 6.69
CA PRO E 120 41.77 -4.94 8.00
C PRO E 120 43.11 -5.70 8.09
N GLU E 121 43.69 -5.73 9.29
CA GLU E 121 44.58 -6.81 9.76
C GLU E 121 43.74 -7.89 10.45
N VAL E 122 44.07 -9.16 10.26
CA VAL E 122 43.27 -10.32 10.74
C VAL E 122 44.21 -11.27 11.49
N ALA E 123 43.85 -11.59 12.73
CA ALA E 123 44.57 -12.52 13.63
C ALA E 123 43.58 -13.55 14.17
N VAL E 124 44.00 -14.82 14.27
CA VAL E 124 43.19 -15.86 14.95
C VAL E 124 43.88 -16.23 16.26
N PHE E 125 43.11 -16.33 17.32
CA PHE E 125 43.62 -16.66 18.67
C PHE E 125 43.10 -18.05 19.06
N GLU E 126 44.01 -18.92 19.50
CA GLU E 126 43.74 -20.36 19.72
C GLU E 126 43.08 -20.54 21.08
N PRO E 127 42.23 -21.60 21.23
CA PRO E 127 41.53 -21.89 22.46
C PRO E 127 42.52 -22.04 23.61
N SER E 128 42.13 -21.58 24.79
CA SER E 128 42.89 -21.75 26.06
C SER E 128 42.76 -23.21 26.53
N GLU E 129 43.86 -23.81 27.00
CA GLU E 129 43.87 -25.17 27.62
C GLU E 129 42.94 -25.19 28.84
N ALA E 130 42.83 -24.10 29.59
CA ALA E 130 41.94 -24.00 30.79
C ALA E 130 40.48 -24.17 30.36
N GLU E 131 40.06 -23.55 29.25
CA GLU E 131 38.66 -23.72 28.75
C GLU E 131 38.42 -25.19 28.40
N ILE E 132 39.34 -25.81 27.64
CA ILE E 132 39.22 -27.21 27.15
C ILE E 132 39.03 -28.14 28.36
N SER E 133 39.90 -28.01 29.38
CA SER E 133 39.86 -28.78 30.65
C SER E 133 38.57 -28.49 31.44
N HIS E 134 38.19 -27.22 31.55
CA HIS E 134 37.03 -26.79 32.38
C HIS E 134 35.72 -27.22 31.71
N THR E 135 35.59 -27.12 30.38
CA THR E 135 34.27 -27.14 29.70
C THR E 135 34.14 -28.25 28.64
N GLN E 136 35.27 -28.84 28.21
CA GLN E 136 35.41 -29.77 27.03
C GLN E 136 34.97 -29.06 25.75
N LYS E 137 35.14 -27.74 25.68
CA LYS E 137 34.82 -26.90 24.50
C LYS E 137 36.04 -26.03 24.20
N ALA E 138 36.12 -25.55 22.95
CA ALA E 138 37.28 -24.81 22.45
C ALA E 138 36.79 -23.61 21.62
N THR E 139 37.03 -22.41 22.13
CA THR E 139 36.62 -21.15 21.46
C THR E 139 37.84 -20.55 20.77
N LEU E 140 37.75 -20.42 19.46
CA LEU E 140 38.66 -19.60 18.65
C LEU E 140 38.09 -18.18 18.61
N VAL E 141 38.97 -17.20 18.57
CA VAL E 141 38.59 -15.78 18.37
C VAL E 141 39.31 -15.27 17.14
N CYS E 142 38.60 -14.57 16.28
CA CYS E 142 39.19 -13.84 15.14
C CYS E 142 39.09 -12.34 15.46
N LEU E 143 40.18 -11.57 15.36
CA LEU E 143 40.13 -10.10 15.47
C LEU E 143 40.47 -9.49 14.10
N ALA E 144 39.60 -8.63 13.59
CA ALA E 144 39.87 -7.78 12.42
C ALA E 144 40.03 -6.35 12.91
N THR E 145 41.16 -5.71 12.63
CA THR E 145 41.52 -4.41 13.27
C THR E 145 41.96 -3.42 12.19
N GLY E 146 41.76 -2.14 12.48
CA GLY E 146 42.32 -1.01 11.74
C GLY E 146 41.70 -0.80 10.36
N PHE E 147 40.43 -1.17 10.13
CA PHE E 147 39.79 -1.01 8.79
C PHE E 147 38.87 0.19 8.77
N TYR E 148 38.82 0.83 7.60
CA TYR E 148 37.91 1.95 7.28
C TYR E 148 37.68 1.96 5.79
N PRO E 149 36.44 2.08 5.27
CA PRO E 149 35.24 2.17 6.09
C PRO E 149 34.82 0.78 6.66
N ASP E 150 33.67 0.73 7.32
CA ASP E 150 33.14 -0.51 7.92
CA ASP E 150 33.12 -0.51 7.93
C ASP E 150 32.36 -1.29 6.84
N HIS E 151 33.06 -1.76 5.84
CA HIS E 151 32.51 -2.48 4.65
C HIS E 151 33.23 -3.81 4.64
N VAL E 152 32.83 -4.70 5.54
CA VAL E 152 33.50 -6.01 5.74
C VAL E 152 32.44 -7.10 5.90
N GLU E 153 32.81 -8.29 5.43
CA GLU E 153 32.06 -9.56 5.65
C GLU E 153 33.01 -10.59 6.26
N LEU E 154 32.73 -11.07 7.47
CA LEU E 154 33.64 -12.00 8.17
C LEU E 154 33.01 -13.39 8.13
N SER E 155 33.77 -14.39 7.76
CA SER E 155 33.25 -15.77 7.64
C SER E 155 34.30 -16.70 8.20
N TRP E 156 33.82 -17.81 8.78
CA TRP E 156 34.63 -18.96 9.22
C TRP E 156 34.50 -20.09 8.20
N TRP E 157 35.63 -20.73 7.94
CA TRP E 157 35.81 -21.88 7.02
C TRP E 157 36.52 -22.99 7.79
N VAL E 158 35.89 -24.14 7.92
CA VAL E 158 36.44 -25.35 8.59
C VAL E 158 36.63 -26.43 7.52
N ASN E 159 37.90 -26.79 7.26
CA ASN E 159 38.24 -27.79 6.22
C ASN E 159 37.58 -27.37 4.89
N GLY E 160 37.84 -26.12 4.44
CA GLY E 160 37.37 -25.52 3.18
C GLY E 160 35.85 -25.46 3.06
N LYS E 161 35.09 -25.60 4.16
CA LYS E 161 33.60 -25.49 4.13
C LYS E 161 33.19 -24.32 5.03
N GLU E 162 32.48 -23.33 4.50
CA GLU E 162 31.97 -22.19 5.32
C GLU E 162 31.03 -22.74 6.39
N VAL E 163 31.18 -22.29 7.64
CA VAL E 163 30.30 -22.73 8.77
C VAL E 163 29.44 -21.55 9.25
N HIS E 164 28.25 -21.87 9.77
CA HIS E 164 27.31 -20.89 10.41
C HIS E 164 27.08 -21.27 11.88
N SER E 165 26.95 -22.57 12.17
CA SER E 165 26.80 -23.12 13.53
C SER E 165 28.00 -22.76 14.39
N GLY E 166 27.79 -22.42 15.65
CA GLY E 166 28.88 -22.23 16.62
C GLY E 166 29.64 -20.93 16.37
N VAL E 167 29.06 -20.00 15.62
CA VAL E 167 29.71 -18.69 15.32
C VAL E 167 28.92 -17.57 15.98
N CYS E 168 29.63 -16.61 16.55
CA CYS E 168 29.03 -15.29 16.90
C CYS E 168 29.98 -14.19 16.43
N THR E 169 29.51 -13.32 15.54
CA THR E 169 30.25 -12.12 15.08
C THR E 169 29.61 -10.89 15.69
N ASP E 170 30.39 -9.93 16.15
CA ASP E 170 29.79 -8.70 16.73
C ASP E 170 28.89 -8.08 15.67
N PRO E 171 27.67 -7.64 16.05
CA PRO E 171 26.77 -6.99 15.12
C PRO E 171 27.25 -5.60 14.72
N GLN E 172 28.04 -4.94 15.57
CA GLN E 172 28.68 -3.66 15.12
C GLN E 172 30.16 -3.66 15.49
N PRO E 173 31.00 -3.00 14.68
CA PRO E 173 32.41 -2.79 15.06
C PRO E 173 32.59 -1.76 16.18
N LEU E 174 33.74 -1.84 16.88
CA LEU E 174 34.21 -0.84 17.84
C LEU E 174 34.92 0.23 17.01
N LYS E 175 34.79 1.50 17.36
CA LYS E 175 35.67 2.54 16.80
C LYS E 175 36.94 2.54 17.61
N GLU E 176 38.09 2.53 16.93
CA GLU E 176 39.41 2.73 17.57
C GLU E 176 39.54 4.18 18.09
N GLN E 177 38.84 5.14 17.46
CA GLN E 177 38.85 6.57 17.88
C GLN E 177 37.43 7.08 17.89
N PRO E 178 36.63 6.84 18.94
CA PRO E 178 35.21 7.17 18.93
C PRO E 178 34.84 8.65 18.71
N ALA E 179 35.77 9.56 19.02
CA ALA E 179 35.50 11.00 18.81
C ALA E 179 35.54 11.36 17.33
N LEU E 180 35.95 10.46 16.40
CA LEU E 180 36.19 10.83 14.98
C LEU E 180 35.23 10.12 14.02
N ASN E 181 34.72 10.88 13.07
CA ASN E 181 33.77 10.38 12.04
C ASN E 181 34.48 9.43 11.09
N ASP E 182 35.81 9.49 11.01
CA ASP E 182 36.62 8.69 10.06
C ASP E 182 37.52 7.74 10.83
N SER E 183 37.17 7.42 12.09
CA SER E 183 37.84 6.40 12.93
C SER E 183 37.90 5.07 12.19
N ARG E 184 39.03 4.39 12.26
CA ARG E 184 39.13 2.97 11.84
C ARG E 184 38.39 2.13 12.87
N TYR E 185 38.12 0.89 12.50
CA TYR E 185 37.19 -0.03 13.23
C TYR E 185 37.92 -1.31 13.60
N ALA E 186 37.40 -1.98 14.62
CA ALA E 186 37.79 -3.35 15.06
C ALA E 186 36.51 -4.20 15.15
N LEU E 187 36.60 -5.47 14.76
CA LEU E 187 35.47 -6.44 14.78
C LEU E 187 36.02 -7.74 15.33
N SER E 188 35.26 -8.40 16.21
CA SER E 188 35.64 -9.71 16.76
C SER E 188 34.61 -10.75 16.31
N SER E 189 35.07 -11.99 16.16
CA SER E 189 34.16 -13.14 15.94
C SER E 189 34.63 -14.33 16.77
N ARG E 190 33.70 -15.17 17.19
CA ARG E 190 34.07 -16.41 17.92
C ARG E 190 33.54 -17.61 17.13
N LEU E 191 34.33 -18.68 17.11
CA LEU E 191 33.83 -20.02 16.68
C LEU E 191 34.10 -21.00 17.81
N ARG E 192 33.07 -21.68 18.25
CA ARG E 192 33.20 -22.65 19.36
C ARG E 192 32.89 -24.06 18.85
N VAL E 193 33.78 -24.98 19.15
CA VAL E 193 33.72 -26.41 18.75
C VAL E 193 33.96 -27.28 20.00
N SER E 194 33.66 -28.57 19.91
CA SER E 194 33.95 -29.55 20.98
C SER E 194 35.47 -29.60 21.17
N ALA E 195 35.95 -29.88 22.38
CA ALA E 195 37.39 -30.14 22.63
C ALA E 195 37.90 -31.20 21.64
N THR E 196 37.07 -32.22 21.37
CA THR E 196 37.43 -33.39 20.51
C THR E 196 37.66 -32.89 19.07
N PHE E 197 36.80 -32.02 18.54
CA PHE E 197 36.88 -31.52 17.14
C PHE E 197 38.17 -30.70 16.95
N TRP E 198 38.54 -29.91 17.98
CA TRP E 198 39.74 -29.05 17.96
C TRP E 198 40.99 -29.92 18.17
N GLN E 199 40.90 -30.93 19.03
CA GLN E 199 42.06 -31.81 19.37
C GLN E 199 42.34 -32.78 18.22
N ASP E 200 41.36 -33.05 17.34
CA ASP E 200 41.59 -33.77 16.05
C ASP E 200 42.47 -32.90 15.16
N PRO E 201 43.73 -33.30 14.90
CA PRO E 201 44.68 -32.45 14.19
C PRO E 201 44.53 -32.48 12.66
N ARG E 202 43.51 -33.17 12.14
CA ARG E 202 43.15 -33.15 10.69
C ARG E 202 42.39 -31.85 10.40
N ASN E 203 41.97 -31.13 11.44
CA ASN E 203 40.95 -30.04 11.36
C ASN E 203 41.64 -28.70 11.09
N HIS E 204 41.20 -28.03 10.02
CA HIS E 204 41.70 -26.73 9.51
C HIS E 204 40.64 -25.63 9.75
N PHE E 205 41.03 -24.56 10.45
CA PHE E 205 40.15 -23.41 10.82
C PHE E 205 40.70 -22.12 10.18
N ARG E 206 39.88 -21.42 9.39
CA ARG E 206 40.27 -20.13 8.78
C ARG E 206 39.19 -19.07 9.03
N CYS E 207 39.62 -17.93 9.57
CA CYS E 207 38.85 -16.67 9.63
C CYS E 207 39.16 -15.87 8.37
N GLN E 208 38.13 -15.50 7.59
CA GLN E 208 38.27 -14.72 6.33
C GLN E 208 37.52 -13.39 6.46
N VAL E 209 38.18 -12.27 6.13
CA VAL E 209 37.50 -10.96 6.03
C VAL E 209 37.59 -10.45 4.60
N GLN E 210 36.43 -10.34 3.96
CA GLN E 210 36.26 -9.67 2.66
C GLN E 210 36.08 -8.20 2.99
N PHE E 211 37.00 -7.37 2.51
CA PHE E 211 37.01 -5.91 2.66
C PHE E 211 36.62 -5.37 1.29
N TYR E 212 35.69 -4.43 1.26
CA TYR E 212 35.28 -3.65 0.07
C TYR E 212 35.95 -2.27 0.16
N GLY E 213 36.93 -2.02 -0.72
CA GLY E 213 37.76 -0.81 -0.65
C GLY E 213 37.75 -0.09 -1.97
N LEU E 214 38.93 0.31 -2.44
CA LEU E 214 39.09 1.08 -3.72
C LEU E 214 39.14 0.11 -4.92
N SER E 215 38.85 0.63 -6.11
CA SER E 215 38.84 -0.16 -7.38
C SER E 215 40.16 0.04 -8.12
N GLU E 216 40.30 -0.54 -9.32
CA GLU E 216 41.49 -0.38 -10.21
C GLU E 216 41.68 1.10 -10.55
N ASN E 217 40.58 1.81 -10.87
CA ASN E 217 40.58 3.10 -11.61
C ASN E 217 40.44 4.27 -10.62
N ASP E 218 41.25 4.26 -9.56
CA ASP E 218 41.33 5.30 -8.50
C ASP E 218 42.78 5.75 -8.35
N GLU E 219 43.03 7.06 -8.43
CA GLU E 219 44.37 7.66 -8.14
C GLU E 219 44.82 7.14 -6.77
N TRP E 220 46.05 6.63 -6.69
CA TRP E 220 46.67 6.27 -5.40
C TRP E 220 48.10 6.85 -5.33
N THR E 221 48.27 7.78 -4.38
CA THR E 221 49.47 8.64 -4.20
C THR E 221 50.41 7.99 -3.19
N GLN E 222 49.86 7.30 -2.19
CA GLN E 222 50.52 7.04 -0.87
C GLN E 222 51.67 6.05 -1.01
N ASP E 223 52.54 6.01 0.02
CA ASP E 223 53.66 5.05 0.18
C ASP E 223 53.09 3.64 0.35
N ARG E 224 52.08 3.47 1.22
CA ARG E 224 51.47 2.14 1.56
C ARG E 224 50.71 1.59 0.36
N ALA E 225 50.49 0.26 0.34
CA ALA E 225 49.77 -0.45 -0.73
C ALA E 225 48.35 0.13 -0.85
N LYS E 226 47.85 0.20 -2.08
CA LYS E 226 46.49 0.69 -2.41
C LYS E 226 45.48 -0.17 -1.66
N PRO E 227 44.55 0.43 -0.87
CA PRO E 227 43.58 -0.37 -0.10
C PRO E 227 42.36 -0.79 -0.93
N VAL E 228 42.59 -1.73 -1.83
CA VAL E 228 41.56 -2.26 -2.77
C VAL E 228 40.70 -3.31 -2.06
N THR E 229 39.54 -3.64 -2.64
CA THR E 229 38.73 -4.83 -2.31
C THR E 229 39.66 -6.04 -2.31
N GLN E 230 39.64 -6.82 -1.24
CA GLN E 230 40.59 -7.94 -1.00
C GLN E 230 40.08 -8.81 0.16
N ILE E 231 40.66 -10.00 0.33
CA ILE E 231 40.41 -10.96 1.45
C ILE E 231 41.67 -10.99 2.30
N VAL E 232 41.50 -10.76 3.59
CA VAL E 232 42.58 -10.92 4.59
C VAL E 232 42.13 -12.07 5.50
N SER E 233 43.04 -13.00 5.79
CA SER E 233 42.76 -14.32 6.43
C SER E 233 43.74 -14.58 7.57
N ALA E 234 43.37 -15.45 8.50
CA ALA E 234 44.28 -16.09 9.46
C ALA E 234 43.74 -17.49 9.73
N GLU E 235 44.65 -18.43 10.01
CA GLU E 235 44.35 -19.89 10.06
C GLU E 235 44.87 -20.47 11.38
N ALA E 236 44.21 -21.53 11.83
CA ALA E 236 44.67 -22.41 12.91
C ALA E 236 44.42 -23.85 12.45
N TRP E 237 45.35 -24.74 12.81
CA TRP E 237 45.20 -26.21 12.67
C TRP E 237 44.90 -26.77 14.07
N GLY E 238 43.99 -27.75 14.13
CA GLY E 238 43.69 -28.58 15.31
C GLY E 238 44.94 -29.28 15.82
N ARG E 239 44.93 -29.79 17.05
CA ARG E 239 46.18 -30.27 17.71
C ARG E 239 45.86 -30.93 19.07
N ALA E 240 46.69 -31.90 19.47
CA ALA E 240 46.65 -32.63 20.76
C ALA E 240 47.92 -32.32 21.56
C1 GOL F . -15.38 6.42 8.95
O1 GOL F . -15.98 7.17 10.01
C2 GOL F . -14.01 5.87 9.33
O2 GOL F . -14.15 4.52 9.76
C3 GOL F . -12.99 5.89 8.20
O3 GOL F . -11.75 6.50 8.57
H11 GOL F . -15.29 6.99 8.15
H12 GOL F . -15.96 5.66 8.71
HO1 GOL F . -16.73 7.44 9.72
H2 GOL F . -13.67 6.41 10.08
HO2 GOL F . -13.64 4.04 9.30
H31 GOL F . -13.36 6.39 7.45
H32 GOL F . -12.82 4.97 7.92
HO3 GOL F . -11.75 6.71 9.39
C1 GOL G . -26.53 4.78 -6.83
O1 GOL G . -26.71 3.37 -6.73
C2 GOL G . -27.36 5.40 -7.93
O2 GOL G . -27.03 4.78 -9.18
C3 GOL G . -28.84 5.28 -7.68
O3 GOL G . -29.58 6.38 -8.20
H11 GOL G . -25.58 4.97 -6.99
H12 GOL G . -26.78 5.20 -5.97
HO1 GOL G . -26.23 3.07 -6.11
H2 GOL G . -27.14 6.35 -7.99
HO2 GOL G . -27.75 4.46 -9.51
H31 GOL G . -29.00 5.22 -6.71
H32 GOL G . -29.18 4.44 -8.09
HO3 GOL G . -29.08 6.82 -8.74
C1 GOL H . -4.78 12.28 6.13
O1 GOL H . -4.84 12.85 7.44
C2 GOL H . -5.42 13.17 5.09
O2 GOL H . -6.86 13.08 5.15
C3 GOL H . -4.91 14.60 5.14
O3 GOL H . -5.55 15.41 6.10
H11 GOL H . -5.24 11.40 6.14
H12 GOL H . -3.84 12.12 5.89
HO1 GOL H . -4.47 12.32 7.99
H2 GOL H . -5.17 12.80 4.22
HO2 GOL H . -7.15 13.86 5.21
H31 GOL H . -5.03 15.00 4.25
H32 GOL H . -3.94 14.58 5.33
HO3 GOL H . -6.10 14.94 6.55
C1 GOL I . -16.71 -12.59 4.51
O1 GOL I . -16.26 -12.12 5.78
C2 GOL I . -17.41 -13.91 4.62
O2 GOL I . -16.51 -14.88 5.16
C3 GOL I . -18.01 -14.41 3.31
O3 GOL I . -17.08 -15.14 2.51
H11 GOL I . -15.93 -12.69 3.90
H12 GOL I . -17.33 -11.92 4.11
HO1 GOL I . -15.88 -11.37 5.66
H2 GOL I . -18.16 -13.80 5.26
HO2 GOL I . -16.48 -15.54 4.65
H31 GOL I . -18.33 -13.63 2.80
H32 GOL I . -18.78 -14.98 3.51
HO3 GOL I . -16.86 -15.87 2.96
#